data_9EDO
#
_entry.id   9EDO
#
_cell.length_a   51.150
_cell.length_b   90.560
_cell.length_c   67.120
_cell.angle_alpha   90.00
_cell.angle_beta   106.34
_cell.angle_gamma   90.00
#
_symmetry.space_group_name_H-M   'P 1 21 1'
#
loop_
_entity.id
_entity.type
_entity.pdbx_description
1 polymer VP1
2 non-polymer 'CHLORIDE ION'
3 water water
#
_entity_poly.entity_id   1
_entity_poly.type   'polypeptide(L)'
_entity_poly.pdbx_seq_one_letter_code
;SKPFTIPILTIGEMTNSRFPVAIDMLHTSPTDNFIVQPQNGRCTLDGELQGTTQLVASNICAFRGSISGHENNGDQHQWH
FSITNPNGTPFDPTEDVPAPLGTPDFKGQLYGVISQRNREGSSGNGNQKANRSHEGVISTVAPRFTPKLGSVMIGTWTTD
DIQDQPSRFTPVGLNDDDNYKQWELPNYSGALTLNMGLAPSVFPTYPGEQLLFFRSYIPMKGGYGSPYIDCLIPQEWISH
FYQESAPSQTDVALIRYVNPDTGRVLFEAKLHRQGYITVAKTGDSPINVPANGYFRFDSWVSQFYSLAPM
;
_entity_poly.pdbx_strand_id   A,B
#
# COMPACT_ATOMS: atom_id res chain seq x y z
N LYS A 2 20.28 -12.25 14.39
CA LYS A 2 20.02 -13.24 15.44
C LYS A 2 19.01 -12.77 16.51
N PRO A 3 19.26 -11.65 17.18
CA PRO A 3 18.30 -11.19 18.20
C PRO A 3 16.99 -10.74 17.57
N PHE A 4 15.89 -11.04 18.25
CA PHE A 4 14.56 -10.80 17.73
C PHE A 4 14.07 -9.40 18.12
N THR A 5 13.44 -8.71 17.17
CA THR A 5 12.91 -7.37 17.39
C THR A 5 11.55 -7.20 16.72
N ILE A 6 10.77 -6.28 17.28
CA ILE A 6 9.50 -5.84 16.72
C ILE A 6 9.63 -4.37 16.31
N PRO A 7 9.13 -3.97 15.15
CA PRO A 7 9.27 -2.58 14.71
C PRO A 7 8.63 -1.61 15.68
N ILE A 8 9.25 -0.44 15.82
CA ILE A 8 8.71 0.63 16.66
C ILE A 8 7.79 1.46 15.78
N LEU A 9 6.53 1.05 15.70
CA LEU A 9 5.52 1.69 14.88
C LEU A 9 4.22 1.64 15.65
N THR A 10 3.53 2.78 15.73
CA THR A 10 2.20 2.83 16.31
C THR A 10 1.22 2.15 15.36
N ILE A 11 0.01 1.86 15.85
CA ILE A 11 -0.94 1.15 15.01
C ILE A 11 -1.36 2.02 13.83
N GLY A 12 -1.45 3.34 14.03
CA GLY A 12 -1.76 4.23 12.93
C GLY A 12 -0.64 4.35 11.90
N GLU A 13 0.56 3.86 12.23
CA GLU A 13 1.69 3.79 11.32
C GLU A 13 1.82 2.42 10.65
N MET A 14 0.82 1.56 10.75
CA MET A 14 0.93 0.20 10.22
C MET A 14 -0.31 -0.15 9.41
N THR A 15 -0.14 -1.18 8.58
CA THR A 15 -1.13 -1.58 7.60
C THR A 15 -1.72 -2.94 7.95
N ASN A 16 -3.03 -3.06 7.80
CA ASN A 16 -3.67 -4.36 7.93
C ASN A 16 -3.11 -5.30 6.87
N SER A 17 -2.79 -6.53 7.28
CA SER A 17 -2.21 -7.49 6.34
C SER A 17 -3.26 -8.29 5.57
N ARG A 18 -4.54 -8.01 5.78
CA ARG A 18 -5.60 -8.66 5.03
C ARG A 18 -6.42 -7.72 4.17
N PHE A 19 -6.16 -6.41 4.25
CA PHE A 19 -6.80 -5.44 3.36
C PHE A 19 -5.94 -4.20 3.37
N PRO A 20 -5.74 -3.51 2.24
CA PRO A 20 -4.74 -2.40 2.21
C PRO A 20 -5.26 -1.10 2.80
N VAL A 21 -5.34 -1.07 4.13
N VAL A 21 -5.33 -1.06 4.14
CA VAL A 21 -5.76 0.08 4.90
CA VAL A 21 -5.83 0.07 4.91
C VAL A 21 -4.97 0.09 6.21
C VAL A 21 -5.08 0.07 6.25
N ALA A 22 -4.80 1.28 6.77
CA ALA A 22 -4.16 1.39 8.08
C ALA A 22 -4.95 0.66 9.17
N ILE A 23 -4.24 0.23 10.21
CA ILE A 23 -4.89 -0.40 11.35
C ILE A 23 -5.61 0.68 12.17
N ASP A 24 -6.85 0.40 12.56
CA ASP A 24 -7.63 1.35 13.35
C ASP A 24 -7.53 1.11 14.85
N MET A 25 -7.51 -0.15 15.30
CA MET A 25 -7.53 -0.44 16.73
CA MET A 25 -7.39 -0.40 16.73
C MET A 25 -7.07 -1.87 16.96
N LEU A 26 -6.79 -2.20 18.22
CA LEU A 26 -6.59 -3.56 18.67
C LEU A 26 -7.91 -4.06 19.24
N HIS A 27 -8.16 -5.36 19.09
CA HIS A 27 -9.41 -5.91 19.58
C HIS A 27 -9.19 -7.35 19.96
N THR A 28 -9.93 -7.81 20.97
CA THR A 28 -9.92 -9.22 21.34
C THR A 28 -11.34 -9.70 21.54
N SER A 29 -11.55 -10.99 21.25
CA SER A 29 -12.88 -11.58 21.42
C SER A 29 -12.72 -13.09 21.40
N PRO A 30 -13.67 -13.82 21.98
CA PRO A 30 -13.65 -15.28 21.84
C PRO A 30 -13.88 -15.65 20.39
N THR A 31 -13.24 -16.75 19.98
CA THR A 31 -13.30 -17.20 18.59
C THR A 31 -13.72 -18.65 18.48
N ASP A 32 -14.30 -19.20 19.57
CA ASP A 32 -14.68 -20.60 19.59
C ASP A 32 -15.70 -20.95 18.51
N ASN A 33 -16.45 -19.98 18.02
CA ASN A 33 -17.43 -20.22 16.96
C ASN A 33 -16.89 -19.96 15.57
N PHE A 34 -15.59 -19.67 15.44
CA PHE A 34 -14.95 -19.46 14.16
C PHE A 34 -13.82 -20.47 13.97
N ILE A 35 -13.52 -20.75 12.71
CA ILE A 35 -12.25 -21.35 12.33
C ILE A 35 -11.40 -20.20 11.82
N VAL A 36 -10.34 -19.87 12.57
CA VAL A 36 -9.53 -18.69 12.28
C VAL A 36 -8.37 -19.17 11.42
N GLN A 37 -8.56 -19.15 10.10
CA GLN A 37 -7.58 -19.65 9.15
C GLN A 37 -7.33 -18.66 8.02
N PRO A 38 -7.06 -17.38 8.34
CA PRO A 38 -6.78 -16.42 7.26
C PRO A 38 -5.56 -16.88 6.48
N GLN A 39 -5.52 -16.51 5.20
CA GLN A 39 -4.42 -16.87 4.33
C GLN A 39 -3.55 -15.69 3.92
N ASN A 40 -4.06 -14.46 4.00
CA ASN A 40 -3.21 -13.28 3.95
C ASN A 40 -2.80 -12.89 5.37
N GLY A 41 -1.68 -12.18 5.46
CA GLY A 41 -1.15 -11.82 6.75
C GLY A 41 -0.58 -12.97 7.55
N ARG A 42 0.04 -13.95 6.89
CA ARG A 42 0.56 -15.14 7.56
C ARG A 42 2.07 -15.19 7.40
N CYS A 43 2.79 -15.10 8.52
CA CYS A 43 4.24 -15.20 8.48
C CYS A 43 4.72 -15.67 9.85
N THR A 44 5.62 -16.66 9.87
CA THR A 44 6.19 -17.08 11.15
C THR A 44 7.20 -16.05 11.63
N LEU A 45 7.54 -16.16 12.92
CA LEU A 45 8.49 -15.22 13.50
C LEU A 45 9.87 -15.32 12.87
N ASP A 46 10.23 -16.47 12.32
CA ASP A 46 11.52 -16.54 11.64
C ASP A 46 11.43 -16.28 10.14
N GLY A 47 10.30 -15.75 9.68
CA GLY A 47 10.23 -15.14 8.37
C GLY A 47 9.69 -15.99 7.23
N GLU A 48 8.97 -17.07 7.53
CA GLU A 48 8.38 -17.92 6.49
C GLU A 48 6.97 -17.42 6.16
N LEU A 49 6.80 -16.89 4.95
CA LEU A 49 5.46 -16.51 4.49
C LEU A 49 4.63 -17.76 4.24
N GLN A 50 3.33 -17.66 4.50
CA GLN A 50 2.45 -18.80 4.34
C GLN A 50 1.17 -18.39 3.64
N GLY A 51 0.40 -19.39 3.23
CA GLY A 51 -0.89 -19.11 2.61
C GLY A 51 -0.74 -18.38 1.29
N THR A 52 -1.50 -17.29 1.14
CA THR A 52 -1.39 -16.42 -0.03
C THR A 52 -0.62 -15.15 0.27
N THR A 53 0.18 -15.14 1.34
CA THR A 53 0.79 -13.91 1.81
C THR A 53 1.97 -13.49 0.93
N GLN A 54 1.96 -12.22 0.52
CA GLN A 54 3.08 -11.61 -0.19
C GLN A 54 3.43 -10.31 0.52
N LEU A 55 4.43 -9.58 0.01
CA LEU A 55 5.08 -8.54 0.78
C LEU A 55 4.57 -7.12 0.51
N VAL A 56 3.88 -6.91 -0.60
CA VAL A 56 3.44 -5.58 -1.02
C VAL A 56 2.03 -5.36 -0.48
N ALA A 57 1.86 -4.44 0.47
CA ALA A 57 0.53 -4.21 1.02
C ALA A 57 -0.47 -3.82 -0.06
N SER A 58 -0.02 -3.03 -1.05
CA SER A 58 -0.90 -2.56 -2.10
C SER A 58 -1.38 -3.69 -3.02
N ASN A 59 -0.82 -4.91 -2.90
CA ASN A 59 -1.26 -6.05 -3.68
C ASN A 59 -2.23 -6.94 -2.92
N ILE A 60 -2.51 -6.64 -1.65
CA ILE A 60 -3.49 -7.42 -0.90
C ILE A 60 -4.87 -7.16 -1.46
N CYS A 61 -5.59 -8.22 -1.81
CA CYS A 61 -6.91 -8.11 -2.43
C CYS A 61 -6.86 -7.47 -3.81
N ALA A 62 -5.70 -7.48 -4.44
CA ALA A 62 -5.55 -7.02 -5.81
C ALA A 62 -5.45 -8.21 -6.75
N PHE A 63 -5.75 -7.97 -8.02
CA PHE A 63 -5.54 -8.94 -9.08
C PHE A 63 -4.89 -8.25 -10.27
N ARG A 64 -4.09 -9.01 -11.01
CA ARG A 64 -3.49 -8.58 -12.25
C ARG A 64 -3.72 -9.68 -13.28
N GLY A 65 -3.93 -9.28 -14.53
CA GLY A 65 -4.14 -10.25 -15.60
C GLY A 65 -4.76 -9.63 -16.84
N SER A 66 -5.85 -10.22 -17.33
CA SER A 66 -6.49 -9.73 -18.54
C SER A 66 -7.93 -10.21 -18.53
N ILE A 67 -8.77 -9.51 -19.30
CA ILE A 67 -10.16 -9.90 -19.50
C ILE A 67 -10.24 -10.70 -20.78
N SER A 68 -10.94 -11.84 -20.73
CA SER A 68 -11.15 -12.69 -21.90
C SER A 68 -12.65 -12.87 -22.05
N GLY A 69 -13.32 -11.81 -22.49
CA GLY A 69 -14.73 -11.84 -22.79
C GLY A 69 -15.62 -11.95 -21.55
N HIS A 70 -16.89 -12.22 -21.83
CA HIS A 70 -17.84 -12.51 -20.77
C HIS A 70 -17.63 -13.94 -20.27
N GLU A 71 -18.25 -14.27 -19.14
CA GLU A 71 -18.24 -15.65 -18.70
C GLU A 71 -19.21 -16.48 -19.54
N ASN A 72 -19.19 -17.80 -19.31
CA ASN A 72 -20.02 -18.76 -20.04
C ASN A 72 -21.43 -18.23 -20.22
N ASN A 73 -22.18 -18.16 -19.12
CA ASN A 73 -23.34 -17.27 -19.02
C ASN A 73 -23.83 -17.19 -17.58
N GLY A 74 -23.54 -16.07 -16.91
CA GLY A 74 -22.73 -15.03 -17.50
C GLY A 74 -23.47 -14.00 -18.34
N ASP A 75 -23.99 -12.97 -17.68
CA ASP A 75 -24.76 -11.93 -18.37
C ASP A 75 -23.82 -10.86 -18.91
N GLN A 76 -24.39 -9.78 -19.43
CA GLN A 76 -23.61 -8.72 -20.05
C GLN A 76 -22.86 -7.85 -19.05
N HIS A 77 -23.12 -8.02 -17.74
CA HIS A 77 -22.41 -7.29 -16.71
C HIS A 77 -21.26 -8.09 -16.11
N GLN A 78 -21.01 -9.31 -16.57
CA GLN A 78 -20.01 -10.18 -15.96
C GLN A 78 -18.90 -10.49 -16.96
N TRP A 79 -17.66 -10.55 -16.47
CA TRP A 79 -16.50 -10.70 -17.34
C TRP A 79 -15.55 -11.73 -16.74
N HIS A 80 -14.87 -12.46 -17.62
CA HIS A 80 -13.90 -13.48 -17.24
C HIS A 80 -12.55 -12.81 -17.07
N PHE A 81 -12.06 -12.76 -15.83
CA PHE A 81 -10.80 -12.10 -15.48
C PHE A 81 -9.75 -13.20 -15.28
N SER A 82 -8.92 -13.40 -16.30
CA SER A 82 -7.78 -14.30 -16.18
C SER A 82 -6.70 -13.63 -15.36
N ILE A 83 -6.15 -14.35 -14.39
CA ILE A 83 -5.23 -13.76 -13.43
C ILE A 83 -3.85 -14.38 -13.53
N THR A 84 -2.84 -13.54 -13.31
CA THR A 84 -1.44 -13.91 -13.27
C THR A 84 -0.91 -13.75 -11.85
N ASN A 85 0.38 -14.06 -11.67
CA ASN A 85 1.05 -13.67 -10.44
C ASN A 85 1.10 -12.15 -10.37
N PRO A 86 1.24 -11.59 -9.16
CA PRO A 86 1.31 -10.12 -9.04
C PRO A 86 2.43 -9.48 -9.83
N ASN A 87 3.55 -10.16 -10.03
CA ASN A 87 4.65 -9.58 -10.80
C ASN A 87 4.46 -9.72 -12.31
N GLY A 88 3.33 -10.24 -12.75
CA GLY A 88 3.05 -10.40 -14.17
C GLY A 88 3.38 -11.76 -14.74
N THR A 89 4.14 -12.58 -14.03
CA THR A 89 4.47 -13.91 -14.52
C THR A 89 3.26 -14.83 -14.42
N PRO A 90 3.21 -15.90 -15.23
CA PRO A 90 2.03 -16.78 -15.20
C PRO A 90 1.91 -17.51 -13.88
N PHE A 91 0.66 -17.64 -13.41
CA PHE A 91 0.37 -18.40 -12.19
C PHE A 91 0.37 -19.89 -12.51
N ASP A 92 1.07 -20.66 -11.67
CA ASP A 92 1.15 -22.11 -11.86
C ASP A 92 0.21 -22.78 -10.87
N PRO A 93 -0.89 -23.40 -11.32
CA PRO A 93 -1.84 -24.01 -10.38
C PRO A 93 -1.31 -25.27 -9.69
N THR A 94 -0.19 -25.83 -10.14
CA THR A 94 0.27 -27.10 -9.58
C THR A 94 1.05 -26.95 -8.27
N GLU A 95 1.40 -25.72 -7.88
CA GLU A 95 2.10 -25.53 -6.62
C GLU A 95 1.13 -25.73 -5.45
N ASP A 96 1.68 -26.17 -4.32
CA ASP A 96 0.91 -26.35 -3.09
C ASP A 96 0.69 -25.00 -2.40
N VAL A 97 -0.02 -24.13 -3.13
CA VAL A 97 -0.37 -22.78 -2.69
CA VAL A 97 -0.39 -22.80 -2.63
C VAL A 97 -1.89 -22.66 -2.85
N PRO A 98 -2.60 -21.87 -2.04
CA PRO A 98 -4.06 -21.86 -2.18
C PRO A 98 -4.57 -21.17 -3.43
N ALA A 99 -3.88 -20.14 -3.91
CA ALA A 99 -4.37 -19.25 -4.94
C ALA A 99 -3.25 -18.27 -5.24
N PRO A 100 -3.36 -17.45 -6.28
CA PRO A 100 -2.35 -16.40 -6.50
C PRO A 100 -2.18 -15.54 -5.27
N LEU A 101 -0.94 -15.10 -5.04
CA LEU A 101 -0.64 -14.31 -3.86
C LEU A 101 -1.50 -13.05 -3.80
N GLY A 102 -2.02 -12.76 -2.61
CA GLY A 102 -2.86 -11.60 -2.40
C GLY A 102 -4.35 -11.84 -2.63
N THR A 103 -4.75 -12.98 -3.16
CA THR A 103 -6.17 -13.27 -3.36
C THR A 103 -6.91 -13.06 -2.03
N PRO A 104 -8.11 -12.48 -2.05
CA PRO A 104 -8.88 -12.34 -0.81
C PRO A 104 -9.12 -13.69 -0.14
N ASP A 105 -9.12 -13.66 1.20
CA ASP A 105 -9.26 -14.86 2.02
C ASP A 105 -10.55 -14.86 2.84
N PHE A 106 -11.63 -14.32 2.28
CA PHE A 106 -12.89 -14.23 2.98
C PHE A 106 -14.02 -14.36 1.98
N LYS A 107 -15.20 -14.71 2.48
CA LYS A 107 -16.43 -14.71 1.69
C LYS A 107 -17.01 -13.31 1.68
N GLY A 108 -17.18 -12.73 0.49
CA GLY A 108 -17.76 -11.40 0.42
C GLY A 108 -17.73 -10.86 -0.99
N GLN A 109 -18.20 -9.63 -1.12
N GLN A 109 -18.26 -9.65 -1.12
CA GLN A 109 -18.32 -8.92 -2.39
CA GLN A 109 -18.30 -8.94 -2.40
C GLN A 109 -17.22 -7.86 -2.43
C GLN A 109 -17.19 -7.90 -2.37
N LEU A 110 -16.07 -8.22 -3.00
CA LEU A 110 -14.92 -7.31 -3.04
C LEU A 110 -15.15 -6.22 -4.08
N TYR A 111 -15.18 -4.96 -3.62
CA TYR A 111 -15.50 -3.82 -4.47
C TYR A 111 -14.24 -3.04 -4.77
N GLY A 112 -14.08 -2.62 -6.03
CA GLY A 112 -12.95 -1.79 -6.38
C GLY A 112 -13.03 -1.31 -7.81
N VAL A 113 -11.89 -1.08 -8.46
CA VAL A 113 -11.84 -0.54 -9.81
C VAL A 113 -11.00 -1.46 -10.68
N ILE A 114 -11.56 -1.87 -11.81
CA ILE A 114 -10.78 -2.55 -12.83
C ILE A 114 -10.27 -1.52 -13.83
N SER A 115 -8.96 -1.51 -14.04
N SER A 115 -8.96 -1.53 -14.07
CA SER A 115 -8.30 -0.63 -14.98
CA SER A 115 -8.33 -0.60 -14.99
C SER A 115 -7.69 -1.45 -16.12
C SER A 115 -7.61 -1.38 -16.09
N GLN A 116 -7.71 -0.88 -17.32
CA GLN A 116 -7.15 -1.54 -18.48
C GLN A 116 -6.26 -0.59 -19.27
N ARG A 117 -5.20 -1.15 -19.85
N ARG A 117 -5.16 -1.12 -19.81
CA ARG A 117 -4.31 -0.44 -20.76
CA ARG A 117 -4.32 -0.42 -20.77
C ARG A 117 -4.03 -1.38 -21.92
C ARG A 117 -4.07 -1.39 -21.91
N ASN A 118 -4.43 -0.97 -23.14
CA ASN A 118 -4.38 -1.88 -24.27
C ASN A 118 -2.96 -2.31 -24.64
N ARG A 119 -2.87 -3.49 -25.25
CA ARG A 119 -1.58 -4.09 -25.61
C ARG A 119 -0.86 -3.33 -26.71
N GLU A 120 -1.60 -2.81 -27.68
N GLU A 120 -1.60 -2.81 -27.68
CA GLU A 120 -0.98 -2.09 -28.79
CA GLU A 120 -0.98 -2.09 -28.79
C GLU A 120 -1.47 -0.65 -28.83
C GLU A 120 -1.47 -0.65 -28.83
N GLY A 121 -0.60 0.23 -29.28
CA GLY A 121 -0.94 1.63 -29.40
C GLY A 121 -1.85 1.89 -30.59
N SER A 122 -2.32 3.14 -30.67
CA SER A 122 -3.19 3.58 -31.74
C SER A 122 -2.38 4.40 -32.74
N SER A 123 -2.45 4.02 -34.02
CA SER A 123 -1.71 4.73 -35.05
C SER A 123 -2.14 6.19 -35.14
N GLY A 124 -3.41 6.48 -34.86
CA GLY A 124 -3.90 7.84 -34.89
C GLY A 124 -3.62 8.67 -33.65
N ASN A 125 -3.09 8.05 -32.60
CA ASN A 125 -2.83 8.74 -31.34
C ASN A 125 -1.36 8.62 -30.93
N GLY A 126 -0.45 8.71 -31.90
CA GLY A 126 0.97 8.66 -31.60
C GLY A 126 1.45 7.34 -31.04
N ASN A 127 0.85 6.23 -31.52
CA ASN A 127 1.19 4.88 -31.05
CA ASN A 127 1.20 4.89 -31.05
C ASN A 127 1.04 4.76 -29.53
N GLN A 128 0.03 5.43 -28.98
CA GLN A 128 -0.24 5.38 -27.56
C GLN A 128 -1.38 4.40 -27.27
N LYS A 129 -1.32 3.81 -26.08
CA LYS A 129 -2.26 2.77 -25.70
C LYS A 129 -3.51 3.37 -25.08
N ALA A 130 -4.66 2.83 -25.47
CA ALA A 130 -5.92 3.28 -24.89
C ALA A 130 -6.07 2.73 -23.47
N ASN A 131 -6.77 3.50 -22.62
CA ASN A 131 -7.00 3.16 -21.23
C ASN A 131 -8.49 3.28 -20.91
N ARG A 132 -8.94 2.49 -19.93
CA ARG A 132 -10.27 2.68 -19.34
C ARG A 132 -10.28 2.06 -17.95
N SER A 133 -11.05 2.65 -17.04
CA SER A 133 -11.27 2.09 -15.72
C SER A 133 -12.75 2.20 -15.38
N HIS A 134 -13.24 1.22 -14.62
CA HIS A 134 -14.62 1.19 -14.17
C HIS A 134 -14.71 0.52 -12.81
N GLU A 135 -15.74 0.90 -12.05
CA GLU A 135 -16.04 0.17 -10.83
C GLU A 135 -16.43 -1.27 -11.13
N GLY A 136 -16.05 -2.17 -10.23
CA GLY A 136 -16.43 -3.55 -10.38
C GLY A 136 -16.47 -4.25 -9.04
N VAL A 137 -17.09 -5.44 -9.04
CA VAL A 137 -17.25 -6.24 -7.83
C VAL A 137 -16.84 -7.66 -8.16
N ILE A 138 -15.97 -8.22 -7.33
CA ILE A 138 -15.54 -9.62 -7.43
C ILE A 138 -16.14 -10.36 -6.24
N SER A 139 -17.16 -11.19 -6.50
CA SER A 139 -17.77 -11.99 -5.45
C SER A 139 -16.91 -13.22 -5.21
N THR A 140 -16.44 -13.40 -3.98
CA THR A 140 -15.59 -14.56 -3.69
C THR A 140 -16.39 -15.83 -3.47
N VAL A 141 -17.72 -15.76 -3.54
CA VAL A 141 -18.56 -16.94 -3.45
C VAL A 141 -19.20 -17.32 -4.78
N ALA A 142 -18.94 -16.56 -5.84
CA ALA A 142 -19.51 -16.90 -7.14
C ALA A 142 -18.98 -18.25 -7.62
N PRO A 143 -19.81 -19.04 -8.31
CA PRO A 143 -19.29 -20.28 -8.89
C PRO A 143 -18.04 -20.07 -9.75
N ARG A 144 -17.92 -18.91 -10.40
CA ARG A 144 -16.78 -18.61 -11.26
C ARG A 144 -15.65 -17.91 -10.52
N PHE A 145 -15.72 -17.80 -9.20
CA PHE A 145 -14.55 -17.40 -8.42
C PHE A 145 -13.66 -18.63 -8.29
N THR A 146 -12.70 -18.75 -9.19
CA THR A 146 -11.81 -19.92 -9.22
C THR A 146 -10.36 -19.47 -9.39
N PRO A 147 -9.86 -18.63 -8.48
CA PRO A 147 -8.50 -18.08 -8.66
C PRO A 147 -7.42 -19.15 -8.73
N LYS A 148 -7.58 -20.26 -8.00
N LYS A 148 -7.57 -20.27 -8.01
CA LYS A 148 -6.61 -21.35 -8.10
CA LYS A 148 -6.62 -21.35 -8.08
C LYS A 148 -6.55 -21.93 -9.50
C LYS A 148 -6.60 -22.01 -9.46
N LEU A 149 -7.67 -21.84 -10.24
CA LEU A 149 -7.72 -22.31 -11.61
C LEU A 149 -7.32 -21.22 -12.59
N GLY A 150 -6.98 -20.04 -12.09
CA GLY A 150 -6.47 -18.97 -12.91
C GLY A 150 -7.46 -17.91 -13.36
N SER A 151 -8.67 -17.87 -12.77
CA SER A 151 -9.61 -16.85 -13.20
C SER A 151 -10.63 -16.53 -12.11
N VAL A 152 -11.16 -15.31 -12.16
CA VAL A 152 -12.29 -14.90 -11.34
C VAL A 152 -13.27 -14.16 -12.23
N MET A 153 -14.51 -14.08 -11.77
CA MET A 153 -15.54 -13.31 -12.46
C MET A 153 -15.66 -11.93 -11.80
N ILE A 154 -15.69 -10.89 -12.63
CA ILE A 154 -15.91 -9.53 -12.15
C ILE A 154 -17.21 -9.00 -12.74
N GLY A 155 -18.03 -8.38 -11.90
CA GLY A 155 -19.26 -7.74 -12.33
C GLY A 155 -19.10 -6.23 -12.37
N THR A 156 -19.65 -5.60 -13.40
CA THR A 156 -19.55 -4.17 -13.57
C THR A 156 -20.92 -3.58 -13.83
N TRP A 157 -21.05 -2.28 -13.55
CA TRP A 157 -22.26 -1.56 -13.94
C TRP A 157 -22.28 -1.25 -15.43
N THR A 158 -21.12 -1.06 -16.05
CA THR A 158 -21.06 -0.91 -17.50
C THR A 158 -21.28 -2.28 -18.16
N THR A 159 -21.90 -2.25 -19.35
CA THR A 159 -22.06 -3.45 -20.15
C THR A 159 -21.24 -3.43 -21.43
N ASP A 160 -20.50 -2.36 -21.69
CA ASP A 160 -19.95 -2.14 -23.02
C ASP A 160 -18.57 -1.51 -23.05
N ASP A 161 -17.95 -1.28 -21.91
CA ASP A 161 -16.67 -0.56 -21.90
C ASP A 161 -15.60 -1.35 -21.15
N ILE A 162 -15.57 -2.66 -21.39
CA ILE A 162 -14.52 -3.55 -20.90
C ILE A 162 -14.01 -4.34 -22.10
N GLN A 163 -12.72 -4.26 -22.38
CA GLN A 163 -12.13 -4.91 -23.56
C GLN A 163 -11.30 -6.13 -23.15
N ASP A 164 -10.94 -6.94 -24.15
CA ASP A 164 -10.10 -8.11 -23.88
C ASP A 164 -8.65 -7.66 -23.87
N GLN A 165 -8.23 -7.09 -22.74
CA GLN A 165 -6.99 -6.33 -22.68
C GLN A 165 -6.38 -6.52 -21.31
N PRO A 166 -5.09 -6.21 -21.14
CA PRO A 166 -4.46 -6.31 -19.83
C PRO A 166 -5.19 -5.45 -18.80
N SER A 167 -5.38 -6.02 -17.61
CA SER A 167 -6.29 -5.47 -16.61
C SER A 167 -5.68 -5.63 -15.22
N ARG A 168 -6.03 -4.69 -14.35
CA ARG A 168 -5.64 -4.75 -12.95
C ARG A 168 -6.85 -4.33 -12.12
N PHE A 169 -7.00 -4.98 -10.97
CA PHE A 169 -8.08 -4.66 -10.03
C PHE A 169 -7.46 -4.03 -8.80
N THR A 170 -7.86 -2.78 -8.51
CA THR A 170 -7.45 -2.07 -7.29
C THR A 170 -8.58 -2.17 -6.27
N PRO A 171 -8.40 -2.82 -5.13
CA PRO A 171 -9.48 -2.92 -4.15
C PRO A 171 -9.77 -1.60 -3.47
N VAL A 172 -11.05 -1.41 -3.13
CA VAL A 172 -11.50 -0.26 -2.35
C VAL A 172 -12.20 -0.67 -1.07
N GLY A 173 -13.09 -1.67 -1.13
CA GLY A 173 -13.80 -2.11 0.03
C GLY A 173 -14.72 -3.25 -0.31
N LEU A 174 -15.92 -3.24 0.25
CA LEU A 174 -16.94 -4.23 -0.02
C LEU A 174 -18.11 -3.58 -0.75
N ASN A 175 -18.83 -4.36 -1.55
CA ASN A 175 -20.03 -3.82 -2.19
C ASN A 175 -21.12 -3.56 -1.15
N ASP A 176 -21.32 -4.53 -0.27
CA ASP A 176 -22.19 -4.47 0.91
C ASP A 176 -21.63 -5.54 1.83
N ASP A 177 -22.24 -5.72 2.99
CA ASP A 177 -21.66 -6.66 3.95
C ASP A 177 -22.66 -7.71 4.41
N ASP A 178 -23.79 -7.86 3.71
CA ASP A 178 -24.87 -8.72 4.22
C ASP A 178 -24.41 -10.15 4.44
N ASN A 179 -23.52 -10.65 3.59
CA ASN A 179 -23.05 -12.02 3.73
C ASN A 179 -21.54 -12.07 3.82
N TYR A 180 -20.93 -10.99 4.31
CA TYR A 180 -19.48 -10.91 4.48
C TYR A 180 -19.07 -11.72 5.70
N LYS A 181 -18.21 -12.73 5.50
CA LYS A 181 -17.78 -13.63 6.57
C LYS A 181 -16.25 -13.68 6.54
N GLN A 182 -15.61 -12.87 7.38
CA GLN A 182 -14.15 -12.72 7.32
C GLN A 182 -13.42 -13.98 7.72
N TRP A 183 -14.05 -14.88 8.47
CA TRP A 183 -13.41 -16.12 8.92
C TRP A 183 -13.84 -17.34 8.13
N GLU A 184 -14.45 -17.17 6.97
CA GLU A 184 -14.79 -18.28 6.09
C GLU A 184 -14.02 -18.12 4.80
N LEU A 185 -13.15 -19.07 4.51
CA LEU A 185 -12.38 -19.02 3.28
C LEU A 185 -13.30 -19.25 2.08
N PRO A 186 -13.04 -18.59 0.95
CA PRO A 186 -13.75 -18.97 -0.27
C PRO A 186 -13.21 -20.29 -0.79
N ASN A 187 -13.90 -20.83 -1.78
CA ASN A 187 -13.43 -22.04 -2.47
C ASN A 187 -12.54 -21.58 -3.61
N TYR A 188 -11.23 -21.63 -3.40
CA TYR A 188 -10.31 -21.08 -4.38
C TYR A 188 -10.39 -21.79 -5.72
N SER A 189 -10.84 -23.06 -5.74
CA SER A 189 -11.02 -23.81 -6.98
C SER A 189 -12.48 -24.00 -7.37
N GLY A 190 -13.40 -23.26 -6.75
CA GLY A 190 -14.81 -23.48 -7.05
C GLY A 190 -15.37 -24.69 -6.31
N ALA A 191 -16.57 -25.06 -6.72
CA ALA A 191 -17.36 -26.04 -5.99
C ALA A 191 -16.80 -27.47 -6.09
N THR A 193 -14.32 -28.89 -4.84
CA THR A 193 -12.87 -29.02 -4.79
C THR A 193 -12.35 -28.36 -3.52
N LEU A 194 -11.58 -29.11 -2.74
CA LEU A 194 -11.10 -28.61 -1.45
C LEU A 194 -9.94 -27.63 -1.65
N ASN A 195 -9.83 -26.68 -0.74
CA ASN A 195 -8.69 -25.79 -0.75
C ASN A 195 -7.41 -26.56 -0.40
N MET A 196 -6.29 -26.06 -0.90
N MET A 196 -6.28 -26.09 -0.93
CA MET A 196 -4.99 -26.69 -0.73
CA MET A 196 -5.00 -26.73 -0.68
C MET A 196 -3.96 -25.65 -0.28
C MET A 196 -3.95 -25.69 -0.35
N GLY A 197 -2.83 -26.15 0.22
CA GLY A 197 -1.72 -25.28 0.55
C GLY A 197 -1.97 -24.30 1.67
N LEU A 198 -2.96 -24.57 2.53
CA LEU A 198 -3.40 -23.57 3.51
C LEU A 198 -2.39 -23.40 4.65
N ALA A 199 -2.21 -22.15 5.07
CA ALA A 199 -1.61 -21.87 6.36
C ALA A 199 -2.51 -22.44 7.47
N PRO A 200 -1.93 -22.89 8.58
CA PRO A 200 -2.75 -23.53 9.62
CA PRO A 200 -2.74 -23.53 9.63
C PRO A 200 -3.72 -22.56 10.28
N SER A 201 -4.83 -23.11 10.77
CA SER A 201 -5.74 -22.33 11.58
C SER A 201 -5.17 -22.18 13.00
N VAL A 202 -5.59 -21.13 13.69
CA VAL A 202 -5.03 -20.77 14.99
C VAL A 202 -6.15 -20.58 16.01
N PHE A 203 -5.83 -20.80 17.27
CA PHE A 203 -6.80 -20.61 18.34
C PHE A 203 -6.05 -20.52 19.66
N PRO A 204 -6.62 -19.86 20.67
CA PRO A 204 -6.00 -19.85 21.99
C PRO A 204 -6.22 -21.18 22.69
N THR A 205 -5.29 -21.53 23.56
CA THR A 205 -5.38 -22.78 24.30
C THR A 205 -5.17 -22.61 25.80
N TYR A 206 -4.26 -21.74 26.21
CA TYR A 206 -4.02 -21.54 27.63
C TYR A 206 -5.28 -20.98 28.28
N PRO A 207 -5.65 -21.45 29.46
CA PRO A 207 -6.92 -21.01 30.08
C PRO A 207 -6.96 -19.50 30.25
N GLY A 208 -8.07 -18.90 29.87
CA GLY A 208 -8.25 -17.48 29.99
C GLY A 208 -7.66 -16.65 28.87
N GLU A 209 -7.10 -17.29 27.83
CA GLU A 209 -6.50 -16.56 26.73
C GLU A 209 -7.45 -16.44 25.52
N GLN A 210 -7.32 -15.31 24.82
CA GLN A 210 -8.02 -15.05 23.56
C GLN A 210 -7.02 -14.52 22.55
N LEU A 211 -7.35 -14.69 21.27
CA LEU A 211 -6.58 -14.03 20.23
C LEU A 211 -6.71 -12.52 20.32
N LEU A 212 -5.62 -11.84 19.98
CA LEU A 212 -5.62 -10.39 19.80
CA LEU A 212 -5.61 -10.39 19.81
C LEU A 212 -5.52 -10.09 18.32
N PHE A 213 -6.32 -9.14 17.86
CA PHE A 213 -6.37 -8.79 16.44
C PHE A 213 -6.01 -7.33 16.23
N PHE A 214 -5.45 -7.06 15.06
CA PHE A 214 -5.30 -5.71 14.55
C PHE A 214 -6.44 -5.47 13.58
N ARG A 215 -7.33 -4.54 13.92
CA ARG A 215 -8.63 -4.40 13.27
C ARG A 215 -8.66 -3.11 12.44
N SER A 216 -9.25 -3.21 11.24
CA SER A 216 -9.54 -2.05 10.40
C SER A 216 -10.96 -2.09 9.89
N TYR A 217 -11.63 -0.94 9.87
CA TYR A 217 -12.89 -0.81 9.15
C TYR A 217 -12.64 -0.67 7.65
N ILE A 218 -13.63 -1.10 6.87
N ILE A 218 -13.63 -1.13 6.87
CA ILE A 218 -13.49 -1.19 5.41
CA ILE A 218 -13.58 -1.26 5.41
C ILE A 218 -14.61 -0.38 4.76
C ILE A 218 -14.61 -0.30 4.82
N PRO A 219 -14.32 0.42 3.74
CA PRO A 219 -15.38 1.18 3.05
C PRO A 219 -16.37 0.26 2.32
N MET A 220 -17.56 0.81 2.03
CA MET A 220 -18.55 0.10 1.24
C MET A 220 -19.08 0.96 0.08
N LYS A 221 -19.44 0.28 -1.01
CA LYS A 221 -20.06 0.94 -2.16
C LYS A 221 -21.45 1.47 -1.81
N GLY A 222 -22.19 0.75 -0.97
CA GLY A 222 -23.53 1.14 -0.58
C GLY A 222 -24.00 0.30 0.57
N GLY A 223 -25.29 0.41 0.87
CA GLY A 223 -25.86 -0.39 1.95
C GLY A 223 -25.50 0.14 3.32
N TYR A 224 -25.89 -0.65 4.31
CA TYR A 224 -25.77 -0.27 5.72
C TYR A 224 -24.77 -1.18 6.41
N GLY A 225 -23.95 -0.58 7.28
CA GLY A 225 -23.03 -1.37 8.07
C GLY A 225 -21.68 -0.72 8.27
N SER A 226 -20.90 -1.25 9.21
CA SER A 226 -19.53 -0.82 9.48
C SER A 226 -18.65 -2.07 9.49
N PRO A 227 -18.43 -2.69 8.33
CA PRO A 227 -17.62 -3.92 8.30
C PRO A 227 -16.17 -3.65 8.69
N TYR A 228 -15.58 -4.64 9.34
CA TYR A 228 -14.17 -4.61 9.70
C TYR A 228 -13.49 -5.92 9.32
N ILE A 229 -12.18 -5.88 9.27
CA ILE A 229 -11.38 -7.07 9.01
C ILE A 229 -10.23 -7.11 10.01
N ASP A 230 -10.00 -8.30 10.58
CA ASP A 230 -9.01 -8.54 11.62
C ASP A 230 -7.83 -9.31 11.05
N CYS A 231 -6.62 -8.80 11.29
CA CYS A 231 -5.44 -9.53 10.87
C CYS A 231 -4.63 -9.97 12.09
N LEU A 232 -3.80 -10.99 11.89
CA LEU A 232 -3.07 -11.59 13.00
C LEU A 232 -1.85 -10.77 13.40
N ILE A 233 -1.12 -10.22 12.41
CA ILE A 233 0.03 -9.35 12.65
C ILE A 233 0.06 -8.33 11.52
N PRO A 234 0.58 -7.12 11.75
CA PRO A 234 0.58 -6.08 10.71
C PRO A 234 1.49 -6.45 9.54
N GLN A 235 1.19 -5.85 8.37
CA GLN A 235 2.02 -6.11 7.19
C GLN A 235 3.47 -5.72 7.43
N GLU A 236 3.70 -4.64 8.19
CA GLU A 236 5.07 -4.18 8.43
C GLU A 236 5.82 -5.13 9.34
N TRP A 237 5.12 -5.85 10.23
CA TRP A 237 5.81 -6.89 11.00
C TRP A 237 6.21 -8.04 10.11
N ILE A 238 5.33 -8.41 9.16
CA ILE A 238 5.66 -9.47 8.21
C ILE A 238 6.89 -9.11 7.39
N SER A 239 6.92 -7.89 6.85
N SER A 239 6.92 -7.89 6.85
CA SER A 239 8.10 -7.43 6.10
CA SER A 239 8.10 -7.47 6.09
C SER A 239 9.35 -7.54 6.96
C SER A 239 9.36 -7.55 6.96
N HIS A 240 9.25 -7.18 8.23
CA HIS A 240 10.40 -7.22 9.12
C HIS A 240 10.84 -8.66 9.40
N PHE A 241 9.91 -9.55 9.75
CA PHE A 241 10.31 -10.92 10.07
C PHE A 241 10.88 -11.60 8.83
N TYR A 242 10.28 -11.35 7.67
CA TYR A 242 10.77 -11.93 6.43
C TYR A 242 12.22 -11.51 6.15
N GLN A 243 12.53 -10.23 6.35
CA GLN A 243 13.88 -9.75 6.07
C GLN A 243 14.88 -10.25 7.11
N GLU A 244 14.49 -10.27 8.38
CA GLU A 244 15.45 -10.64 9.43
C GLU A 244 15.75 -12.13 9.42
N SER A 245 14.74 -12.97 9.23
CA SER A 245 14.92 -14.43 9.31
C SER A 245 15.61 -14.85 10.60
N ALA A 246 15.23 -14.20 11.69
CA ALA A 246 15.86 -14.51 12.98
C ALA A 246 15.26 -15.79 13.55
N PRO A 247 16.10 -16.76 13.94
CA PRO A 247 15.57 -18.00 14.51
C PRO A 247 14.81 -17.71 15.80
N SER A 248 13.62 -18.31 15.90
CA SER A 248 12.83 -18.22 17.11
C SER A 248 13.45 -19.13 18.17
N GLN A 249 13.81 -18.55 19.32
CA GLN A 249 14.52 -19.34 20.32
C GLN A 249 13.58 -20.29 21.05
N THR A 250 12.33 -19.89 21.26
CA THR A 250 11.27 -20.75 21.76
C THR A 250 10.04 -20.54 20.89
N ASP A 251 8.94 -21.18 21.26
CA ASP A 251 7.70 -21.06 20.49
C ASP A 251 6.89 -19.81 20.86
N VAL A 252 7.29 -19.02 21.85
CA VAL A 252 6.51 -17.88 22.29
C VAL A 252 7.44 -16.73 22.66
N ALA A 253 7.22 -15.56 22.05
CA ALA A 253 7.89 -14.33 22.47
C ALA A 253 6.96 -13.55 23.38
N LEU A 254 7.45 -13.20 24.57
CA LEU A 254 6.71 -12.35 25.49
C LEU A 254 6.88 -10.90 25.06
N ILE A 255 5.78 -10.23 24.76
CA ILE A 255 5.81 -8.84 24.27
C ILE A 255 4.96 -7.98 25.19
N ARG A 256 5.42 -6.75 25.41
CA ARG A 256 4.75 -5.80 26.30
C ARG A 256 4.34 -4.58 25.49
N TYR A 257 3.09 -4.15 25.63
CA TYR A 257 2.61 -2.93 24.98
C TYR A 257 2.91 -1.76 25.91
N VAL A 258 3.75 -0.84 25.45
N VAL A 258 3.73 -0.83 25.44
CA VAL A 258 4.27 0.21 26.31
CA VAL A 258 4.32 0.20 26.28
C VAL A 258 3.84 1.58 25.80
C VAL A 258 3.88 1.58 25.79
N ASN A 259 3.63 2.49 26.74
CA ASN A 259 3.45 3.90 26.44
C ASN A 259 4.84 4.50 26.50
N PRO A 260 5.43 4.90 25.37
CA PRO A 260 6.82 5.41 25.42
C PRO A 260 6.96 6.71 26.19
N ASP A 261 5.88 7.44 26.42
CA ASP A 261 5.97 8.70 27.16
C ASP A 261 6.25 8.44 28.64
N THR A 262 5.65 7.40 29.21
CA THR A 262 5.76 7.12 30.63
C THR A 262 6.58 5.87 30.93
N GLY A 263 6.85 5.02 29.94
CA GLY A 263 7.42 3.72 30.17
C GLY A 263 6.46 2.71 30.75
N ARG A 264 5.21 3.09 30.97
CA ARG A 264 4.23 2.20 31.57
C ARG A 264 3.87 1.06 30.63
N VAL A 265 3.80 -0.14 31.18
CA VAL A 265 3.32 -1.30 30.43
C VAL A 265 1.80 -1.34 30.53
N LEU A 266 1.13 -1.16 29.39
CA LEU A 266 -0.34 -1.22 29.38
C LEU A 266 -0.82 -2.65 29.57
N PHE A 267 -0.21 -3.59 28.85
CA PHE A 267 -0.53 -5.02 28.98
C PHE A 267 0.60 -5.80 28.35
N GLU A 268 0.58 -7.12 28.59
CA GLU A 268 1.53 -8.04 27.97
C GLU A 268 0.77 -9.10 27.21
N ALA A 269 1.48 -9.75 26.29
CA ALA A 269 0.87 -10.68 25.37
C ALA A 269 1.89 -11.73 24.95
N LYS A 270 1.38 -12.84 24.41
CA LYS A 270 2.21 -13.91 23.86
C LYS A 270 2.21 -13.80 22.35
N LEU A 271 3.39 -13.65 21.75
CA LEU A 271 3.54 -13.67 20.30
C LEU A 271 4.03 -15.06 19.91
N HIS A 272 3.14 -15.85 19.30
CA HIS A 272 3.46 -17.24 19.01
C HIS A 272 4.30 -17.36 17.74
N ARG A 273 5.13 -18.40 17.70
CA ARG A 273 6.04 -18.64 16.58
C ARG A 273 5.30 -18.63 15.25
N GLN A 274 4.06 -19.13 15.23
CA GLN A 274 3.27 -19.20 14.01
C GLN A 274 2.92 -17.82 13.45
N GLY A 275 3.04 -16.76 14.25
CA GLY A 275 2.72 -15.41 13.80
C GLY A 275 1.34 -14.93 14.22
N TYR A 276 1.00 -15.05 15.51
CA TYR A 276 -0.26 -14.52 16.03
C TYR A 276 -0.09 -14.24 17.52
N ILE A 277 -1.01 -13.48 18.09
CA ILE A 277 -0.89 -12.97 19.45
C ILE A 277 -2.06 -13.46 20.29
N THR A 278 -1.78 -13.88 21.52
CA THR A 278 -2.83 -14.11 22.51
C THR A 278 -2.62 -13.24 23.74
N VAL A 279 -3.74 -12.93 24.41
CA VAL A 279 -3.75 -12.14 25.63
C VAL A 279 -4.65 -12.82 26.65
N ALA A 280 -4.40 -12.52 27.92
CA ALA A 280 -5.21 -13.04 29.03
C ALA A 280 -6.39 -12.10 29.22
N LYS A 281 -7.48 -12.37 28.51
CA LYS A 281 -8.68 -11.56 28.58
C LYS A 281 -9.86 -12.43 28.18
N THR A 282 -10.98 -12.25 28.86
CA THR A 282 -12.21 -12.98 28.56
C THR A 282 -13.28 -11.99 28.13
N GLY A 283 -13.76 -12.14 26.90
CA GLY A 283 -14.86 -11.33 26.41
C GLY A 283 -14.55 -10.56 25.15
N ASP A 284 -15.60 -10.18 24.42
CA ASP A 284 -15.47 -9.37 23.20
C ASP A 284 -15.21 -7.94 23.63
N SER A 285 -13.97 -7.49 23.54
CA SER A 285 -13.60 -6.22 24.15
C SER A 285 -12.70 -5.40 23.24
N PRO A 286 -12.88 -4.08 23.23
CA PRO A 286 -11.84 -3.20 22.68
C PRO A 286 -10.68 -3.12 23.65
N ILE A 287 -9.53 -2.71 23.12
CA ILE A 287 -8.31 -2.58 23.93
C ILE A 287 -7.94 -1.11 23.95
N ASN A 288 -8.26 -0.42 25.04
CA ASN A 288 -8.03 1.01 25.16
C ASN A 288 -6.55 1.24 25.46
N VAL A 289 -5.83 1.83 24.52
CA VAL A 289 -4.40 2.10 24.66
C VAL A 289 -4.09 3.45 24.03
N PRO A 290 -3.00 4.08 24.46
CA PRO A 290 -2.62 5.37 23.85
C PRO A 290 -2.21 5.19 22.41
N ALA A 291 -2.51 6.20 21.60
CA ALA A 291 -2.18 6.14 20.18
C ALA A 291 -0.69 6.00 19.93
N ASN A 292 0.15 6.43 20.88
CA ASN A 292 1.60 6.34 20.72
C ASN A 292 2.18 5.00 21.14
N GLY A 293 1.35 4.05 21.55
CA GLY A 293 1.87 2.81 22.11
C GLY A 293 2.32 1.80 21.06
N TYR A 294 3.17 0.88 21.49
CA TYR A 294 3.64 -0.18 20.61
C TYR A 294 4.17 -1.35 21.44
N PHE A 295 4.24 -2.50 20.79
CA PHE A 295 4.75 -3.70 21.44
C PHE A 295 6.27 -3.71 21.45
N ARG A 296 6.84 -4.19 22.55
CA ARG A 296 8.27 -4.35 22.73
C ARG A 296 8.54 -5.80 23.07
N PHE A 297 9.48 -6.43 22.38
CA PHE A 297 9.91 -7.78 22.72
C PHE A 297 10.70 -7.76 24.02
N ASP A 298 10.33 -8.63 24.96
CA ASP A 298 11.02 -8.69 26.24
CA ASP A 298 10.95 -8.71 26.28
C ASP A 298 11.81 -9.96 26.46
N SER A 299 11.26 -11.14 26.13
CA SER A 299 12.00 -12.37 26.33
C SER A 299 11.30 -13.53 25.63
N TRP A 300 12.04 -14.61 25.46
CA TRP A 300 11.47 -15.86 24.95
C TRP A 300 10.94 -16.69 26.12
N VAL A 301 9.69 -17.14 26.01
CA VAL A 301 9.04 -17.92 27.06
C VAL A 301 8.43 -19.15 26.43
N SER A 302 7.51 -19.80 27.14
CA SER A 302 6.86 -21.01 26.63
C SER A 302 5.36 -20.81 26.57
N GLN A 303 4.67 -21.82 26.02
CA GLN A 303 3.22 -21.76 25.97
C GLN A 303 2.60 -21.86 27.37
N PHE A 304 3.38 -22.28 28.36
CA PHE A 304 2.92 -22.36 29.74
C PHE A 304 3.00 -21.03 30.49
N TYR A 305 3.60 -20.01 29.90
CA TYR A 305 3.73 -18.74 30.60
C TYR A 305 2.35 -18.18 30.94
N SER A 306 2.21 -17.70 32.17
CA SER A 306 0.92 -17.19 32.67
C SER A 306 0.95 -15.67 32.55
N LEU A 307 0.24 -15.13 31.56
CA LEU A 307 0.21 -13.70 31.33
C LEU A 307 -0.56 -13.00 32.43
N ALA A 308 -0.11 -11.79 32.78
CA ALA A 308 -0.91 -10.92 33.62
C ALA A 308 -2.22 -10.58 32.92
N PRO A 309 -3.34 -10.64 33.63
CA PRO A 309 -4.63 -10.32 33.01
C PRO A 309 -4.69 -8.86 32.58
N MET A 310 -5.64 -8.58 31.69
CA MET A 310 -5.92 -7.21 31.27
C MET A 310 -7.42 -6.98 31.21
N SER B 1 28.16 4.70 15.03
CA SER B 1 28.56 3.38 15.50
C SER B 1 27.59 2.30 15.01
N LYS B 2 26.32 2.66 14.84
CA LYS B 2 25.35 1.72 14.32
C LYS B 2 25.56 1.54 12.81
N PRO B 3 25.78 0.32 12.34
CA PRO B 3 26.03 0.12 10.91
C PRO B 3 24.80 0.42 10.06
N PHE B 4 25.05 0.97 8.88
CA PHE B 4 24.00 1.27 7.92
C PHE B 4 23.77 0.07 7.02
N THR B 5 22.50 -0.27 6.79
CA THR B 5 22.13 -1.42 5.97
C THR B 5 20.98 -1.05 5.06
N ILE B 6 20.82 -1.85 4.01
CA ILE B 6 19.77 -1.68 3.01
C ILE B 6 18.90 -2.94 3.01
N PRO B 7 17.58 -2.84 2.92
CA PRO B 7 16.75 -4.05 2.87
C PRO B 7 17.15 -4.95 1.71
N ILE B 8 16.86 -6.23 1.85
N ILE B 8 16.89 -6.24 1.88
CA ILE B 8 17.22 -7.23 0.84
CA ILE B 8 17.21 -7.25 0.89
C ILE B 8 16.09 -7.47 -0.15
C ILE B 8 16.02 -7.56 -0.02
N LEU B 9 15.02 -6.68 -0.05
CA LEU B 9 13.82 -6.91 -0.86
C LEU B 9 14.09 -6.69 -2.34
N THR B 10 13.51 -7.55 -3.18
CA THR B 10 13.61 -7.38 -4.62
C THR B 10 12.66 -6.28 -5.10
N ILE B 11 12.83 -5.89 -6.37
CA ILE B 11 12.01 -4.83 -6.95
C ILE B 11 10.53 -5.16 -6.82
N GLY B 12 10.14 -6.38 -7.17
CA GLY B 12 8.74 -6.76 -7.12
C GLY B 12 8.19 -6.91 -5.72
N GLU B 13 9.04 -6.85 -4.70
CA GLU B 13 8.63 -6.93 -3.31
C GLU B 13 8.53 -5.56 -2.65
N MET B 14 8.56 -4.48 -3.43
CA MET B 14 8.59 -3.15 -2.87
C MET B 14 7.55 -2.23 -3.52
N THR B 15 7.27 -1.12 -2.85
CA THR B 15 6.17 -0.23 -3.18
C THR B 15 6.72 1.12 -3.56
N ASN B 16 6.14 1.72 -4.60
CA ASN B 16 6.47 3.09 -4.95
C ASN B 16 6.10 4.03 -3.79
N SER B 17 7.01 4.93 -3.46
CA SER B 17 6.77 5.86 -2.35
C SER B 17 6.04 7.13 -2.77
N ARG B 18 5.68 7.27 -4.05
CA ARG B 18 4.89 8.40 -4.51
C ARG B 18 3.50 8.01 -4.98
N PHE B 19 3.20 6.71 -5.06
CA PHE B 19 1.86 6.26 -5.43
C PHE B 19 1.73 4.83 -4.93
N PRO B 20 0.57 4.44 -4.38
CA PRO B 20 0.49 3.12 -3.69
C PRO B 20 0.33 1.95 -4.65
N VAL B 21 1.42 1.62 -5.33
CA VAL B 21 1.49 0.50 -6.28
C VAL B 21 2.90 -0.09 -6.19
N ALA B 22 3.01 -1.36 -6.57
CA ALA B 22 4.32 -2.00 -6.60
C ALA B 22 5.24 -1.28 -7.59
N ILE B 23 6.54 -1.35 -7.31
CA ILE B 23 7.53 -0.87 -8.27
C ILE B 23 7.58 -1.81 -9.46
N ASP B 24 7.57 -1.26 -10.66
CA ASP B 24 7.66 -2.08 -11.88
C ASP B 24 9.09 -2.28 -12.38
N MET B 25 9.95 -1.28 -12.23
N MET B 25 9.95 -1.28 -12.29
CA MET B 25 11.27 -1.35 -12.84
CA MET B 25 11.32 -1.45 -12.77
C MET B 25 12.17 -0.28 -12.24
C MET B 25 12.16 -0.28 -12.30
N LEU B 26 13.48 -0.47 -12.41
CA LEU B 26 14.43 0.62 -12.24
C LEU B 26 14.52 1.38 -13.56
N HIS B 27 14.75 2.69 -13.47
CA HIS B 27 14.81 3.49 -14.70
C HIS B 27 15.69 4.70 -14.47
N THR B 28 16.42 5.10 -15.51
CA THR B 28 17.22 6.30 -15.44
C THR B 28 16.94 7.18 -16.65
N SER B 29 17.04 8.49 -16.44
N SER B 29 17.05 8.49 -16.45
CA SER B 29 16.79 9.46 -17.51
CA SER B 29 16.84 9.42 -17.55
C SER B 29 17.56 10.72 -17.20
C SER B 29 17.53 10.73 -17.21
N PRO B 30 17.89 11.52 -18.22
CA PRO B 30 18.40 12.87 -17.95
C PRO B 30 17.27 13.73 -17.38
N THR B 31 17.58 14.46 -16.33
CA THR B 31 16.58 15.28 -15.65
C THR B 31 17.07 16.69 -15.40
N ASP B 32 18.19 17.08 -15.99
CA ASP B 32 18.72 18.41 -15.70
C ASP B 32 17.81 19.53 -16.16
N ASN B 33 16.85 19.26 -17.03
CA ASN B 33 15.89 20.29 -17.43
C ASN B 33 14.62 20.27 -16.58
N PHE B 34 14.51 19.36 -15.61
CA PHE B 34 13.44 19.37 -14.62
C PHE B 34 13.96 19.88 -13.28
N ILE B 35 13.03 20.28 -12.43
CA ILE B 35 13.30 20.51 -11.02
C ILE B 35 12.74 19.29 -10.30
N VAL B 36 13.64 18.39 -9.89
CA VAL B 36 13.24 17.10 -9.31
C VAL B 36 13.12 17.32 -7.80
N GLN B 37 11.89 17.60 -7.34
CA GLN B 37 11.65 17.97 -5.95
C GLN B 37 10.39 17.28 -5.42
N PRO B 38 10.30 15.94 -5.55
CA PRO B 38 9.12 15.25 -4.99
C PRO B 38 9.04 15.45 -3.48
N GLN B 39 7.80 15.40 -2.98
CA GLN B 39 7.55 15.57 -1.55
C GLN B 39 7.12 14.31 -0.84
N ASN B 40 6.55 13.34 -1.55
CA ASN B 40 6.40 11.99 -1.00
C ASN B 40 7.64 11.17 -1.35
N GLY B 41 7.90 10.15 -0.54
CA GLY B 41 9.07 9.33 -0.76
C GLY B 41 10.39 10.00 -0.42
N ARG B 42 10.41 10.83 0.63
CA ARG B 42 11.57 11.61 1.01
C ARG B 42 12.01 11.21 2.42
N CYS B 43 13.22 10.66 2.53
CA CYS B 43 13.78 10.26 3.82
C CYS B 43 15.29 10.23 3.70
N THR B 44 15.98 10.82 4.66
CA THR B 44 17.43 10.73 4.67
C THR B 44 17.86 9.32 5.07
N LEU B 45 19.13 9.01 4.79
CA LEU B 45 19.65 7.67 5.12
C LEU B 45 19.66 7.42 6.61
N ASP B 46 19.78 8.48 7.42
CA ASP B 46 19.71 8.31 8.87
C ASP B 46 18.29 8.38 9.43
N GLY B 47 17.28 8.38 8.57
CA GLY B 47 15.92 8.15 9.00
C GLY B 47 15.04 9.36 9.23
N GLU B 48 15.36 10.51 8.66
CA GLU B 48 14.55 11.72 8.83
C GLU B 48 13.57 11.84 7.67
N LEU B 49 12.27 11.72 7.98
CA LEU B 49 11.24 11.93 6.95
C LEU B 49 11.17 13.39 6.57
N GLN B 50 10.89 13.67 5.29
CA GLN B 50 10.81 15.05 4.81
C GLN B 50 9.58 15.26 3.94
N GLY B 51 9.31 16.52 3.63
CA GLY B 51 8.22 16.85 2.72
C GLY B 51 6.88 16.46 3.33
N THR B 52 6.06 15.74 2.55
CA THR B 52 4.79 15.22 3.00
C THR B 52 4.85 13.73 3.29
N THR B 53 6.05 13.19 3.52
CA THR B 53 6.25 11.75 3.59
C THR B 53 5.78 11.19 4.92
N GLN B 54 5.00 10.13 4.84
CA GLN B 54 4.56 9.36 6.00
C GLN B 54 4.85 7.89 5.74
N LEU B 55 4.48 7.02 6.68
CA LEU B 55 5.00 5.65 6.72
C LEU B 55 4.08 4.61 6.10
N VAL B 56 2.80 4.91 5.89
CA VAL B 56 1.82 3.94 5.44
C VAL B 56 1.66 4.09 3.93
N ALA B 57 2.06 3.07 3.17
CA ALA B 57 1.97 3.18 1.72
C ALA B 57 0.54 3.44 1.30
N SER B 58 -0.41 2.78 1.97
CA SER B 58 -1.82 2.90 1.59
C SER B 58 -2.40 4.28 1.86
N ASN B 59 -1.64 5.18 2.49
CA ASN B 59 -2.06 6.56 2.68
C ASN B 59 -1.43 7.51 1.68
N ILE B 60 -0.56 7.03 0.80
CA ILE B 60 0.03 7.90 -0.23
C ILE B 60 -1.04 8.26 -1.25
N CYS B 61 -1.20 9.56 -1.51
CA CYS B 61 -2.23 10.07 -2.41
C CYS B 61 -3.64 9.78 -1.93
N ALA B 62 -3.80 9.49 -0.65
CA ALA B 62 -5.13 9.35 -0.05
C ALA B 62 -5.50 10.63 0.68
N PHE B 63 -6.80 10.81 0.90
CA PHE B 63 -7.30 11.89 1.73
C PHE B 63 -8.37 11.34 2.66
N ARG B 64 -8.45 11.93 3.85
CA ARG B 64 -9.46 11.58 4.85
C ARG B 64 -10.03 12.88 5.39
N GLY B 65 -11.34 12.91 5.64
CA GLY B 65 -11.99 14.09 6.17
C GLY B 65 -13.49 13.99 6.03
N SER B 66 -14.11 15.01 5.44
CA SER B 66 -15.56 15.05 5.31
C SER B 66 -15.92 16.01 4.18
N ILE B 67 -17.10 15.81 3.61
CA ILE B 67 -17.63 16.69 2.58
C ILE B 67 -18.51 17.74 3.25
N SER B 68 -18.38 18.99 2.81
CA SER B 68 -19.24 20.08 3.25
C SER B 68 -19.78 20.82 2.01
N GLY B 69 -20.78 20.23 1.37
CA GLY B 69 -21.47 20.86 0.26
C GLY B 69 -20.59 21.07 -0.95
N HIS B 70 -21.03 21.98 -1.80
CA HIS B 70 -20.32 22.37 -3.01
C HIS B 70 -19.37 23.52 -2.73
N GLU B 71 -18.48 23.80 -3.68
CA GLU B 71 -17.61 24.96 -3.59
C GLU B 71 -18.41 26.21 -3.96
N ASN B 72 -17.73 27.35 -4.08
CA ASN B 72 -18.42 28.62 -4.27
C ASN B 72 -18.88 28.87 -5.70
N ASN B 73 -18.35 28.15 -6.69
CA ASN B 73 -18.80 28.35 -8.06
C ASN B 73 -20.17 27.76 -8.34
N GLY B 74 -20.74 26.99 -7.40
CA GLY B 74 -22.05 26.43 -7.60
C GLY B 74 -22.12 25.27 -8.58
N ASP B 75 -20.98 24.66 -8.89
CA ASP B 75 -20.96 23.50 -9.78
C ASP B 75 -21.49 22.29 -9.02
N GLN B 76 -22.61 21.73 -9.48
CA GLN B 76 -23.26 20.64 -8.78
C GLN B 76 -22.46 19.33 -8.84
N HIS B 77 -21.44 19.24 -9.69
CA HIS B 77 -20.59 18.06 -9.76
CA HIS B 77 -20.59 18.07 -9.77
C HIS B 77 -19.30 18.19 -8.97
N GLN B 78 -19.12 19.29 -8.24
CA GLN B 78 -17.89 19.54 -7.49
C GLN B 78 -18.21 19.73 -6.01
N TRP B 79 -17.35 19.19 -5.15
CA TRP B 79 -17.64 19.12 -3.73
C TRP B 79 -16.44 19.61 -2.92
N HIS B 80 -16.75 20.30 -1.82
CA HIS B 80 -15.74 20.79 -0.88
C HIS B 80 -15.36 19.67 0.07
N PHE B 81 -14.14 19.13 -0.07
CA PHE B 81 -13.63 18.00 0.71
C PHE B 81 -12.70 18.57 1.78
N SER B 82 -13.22 18.74 3.00
CA SER B 82 -12.40 19.12 4.14
C SER B 82 -11.53 17.94 4.55
N ILE B 83 -10.24 18.18 4.75
CA ILE B 83 -9.29 17.11 4.99
C ILE B 83 -8.60 17.28 6.32
N THR B 84 -8.30 16.14 6.95
CA THR B 84 -7.58 16.07 8.20
C THR B 84 -6.25 15.38 7.94
N ASN B 85 -5.50 15.20 9.02
CA ASN B 85 -4.35 14.30 8.99
C ASN B 85 -4.84 12.88 8.75
N PRO B 86 -3.99 12.02 8.21
CA PRO B 86 -4.40 10.62 7.97
C PRO B 86 -4.94 9.89 9.20
N ASN B 87 -4.58 10.35 10.39
CA ASN B 87 -5.03 9.75 11.64
C ASN B 87 -6.37 10.29 12.11
N GLY B 88 -6.95 11.25 11.38
CA GLY B 88 -8.19 11.87 11.80
C GLY B 88 -8.02 13.11 12.64
N THR B 89 -6.83 13.34 13.21
CA THR B 89 -6.59 14.56 13.96
C THR B 89 -6.58 15.76 13.01
N PRO B 90 -6.96 16.94 13.50
CA PRO B 90 -6.98 18.11 12.62
CA PRO B 90 -6.98 18.12 12.63
C PRO B 90 -5.58 18.48 12.15
N PHE B 91 -5.49 18.82 10.86
CA PHE B 91 -4.22 19.24 10.29
C PHE B 91 -3.88 20.64 10.75
N ASP B 92 -2.67 20.83 11.27
CA ASP B 92 -2.23 22.13 11.78
C ASP B 92 -1.41 22.83 10.71
N PRO B 93 -1.93 23.87 10.05
CA PRO B 93 -1.15 24.56 9.02
C PRO B 93 0.04 25.35 9.55
N THR B 94 0.05 25.69 10.85
CA THR B 94 1.15 26.49 11.37
C THR B 94 2.45 25.72 11.47
N GLU B 95 2.40 24.39 11.40
CA GLU B 95 3.62 23.61 11.27
C GLU B 95 4.20 23.80 9.88
N ASP B 96 5.52 23.79 9.78
CA ASP B 96 6.21 24.00 8.50
CA ASP B 96 6.21 24.00 8.50
C ASP B 96 6.26 22.67 7.73
N VAL B 97 5.07 22.22 7.34
N VAL B 97 5.07 22.25 7.29
CA VAL B 97 4.92 21.07 6.45
CA VAL B 97 4.88 21.06 6.47
C VAL B 97 4.22 21.59 5.21
C VAL B 97 4.12 21.50 5.23
N PRO B 98 4.47 21.03 4.03
CA PRO B 98 3.84 21.57 2.81
C PRO B 98 2.33 21.39 2.76
N ALA B 99 1.82 20.31 3.34
CA ALA B 99 0.43 19.88 3.22
C ALA B 99 0.23 18.68 4.13
N PRO B 100 -1.00 18.22 4.35
CA PRO B 100 -1.19 16.98 5.10
C PRO B 100 -0.38 15.84 4.50
N LEU B 101 0.12 14.97 5.38
CA LEU B 101 1.02 13.93 4.92
C LEU B 101 0.32 13.04 3.90
N GLY B 102 1.04 12.66 2.86
CA GLY B 102 0.50 11.84 1.80
C GLY B 102 -0.15 12.60 0.66
N THR B 103 -0.35 13.92 0.78
CA THR B 103 -0.95 14.70 -0.29
C THR B 103 -0.16 14.47 -1.58
N PRO B 104 -0.83 14.34 -2.73
CA PRO B 104 -0.09 14.21 -4.00
C PRO B 104 0.90 15.35 -4.20
N ASP B 105 2.02 15.03 -4.83
CA ASP B 105 3.14 15.96 -5.03
C ASP B 105 3.38 16.26 -6.51
N PHE B 106 2.34 16.16 -7.33
CA PHE B 106 2.47 16.37 -8.77
C PHE B 106 1.25 17.14 -9.26
N LYS B 107 1.41 17.80 -10.40
CA LYS B 107 0.29 18.44 -11.10
C LYS B 107 -0.40 17.41 -11.97
N GLY B 108 -1.69 17.19 -11.75
CA GLY B 108 -2.43 16.24 -12.56
C GLY B 108 -3.80 15.99 -12.00
N GLN B 109 -4.49 15.03 -12.62
CA GLN B 109 -5.87 14.71 -12.29
C GLN B 109 -5.88 13.38 -11.53
N LEU B 110 -5.92 13.47 -10.20
CA LEU B 110 -5.87 12.26 -9.37
C LEU B 110 -7.23 11.57 -9.38
N TYR B 111 -7.27 10.33 -9.83
CA TYR B 111 -8.52 9.58 -10.00
C TYR B 111 -8.60 8.49 -8.94
N GLY B 112 -9.77 8.35 -8.33
CA GLY B 112 -9.98 7.29 -7.38
C GLY B 112 -11.42 7.18 -6.93
N VAL B 113 -11.65 6.67 -5.73
CA VAL B 113 -13.00 6.49 -5.21
C VAL B 113 -13.12 7.25 -3.90
N ILE B 114 -14.17 8.06 -3.77
CA ILE B 114 -14.54 8.66 -2.50
C ILE B 114 -15.60 7.77 -1.84
N SER B 115 -15.33 7.35 -0.61
N SER B 115 -15.35 7.38 -0.60
CA SER B 115 -16.25 6.54 0.17
CA SER B 115 -16.24 6.53 0.17
C SER B 115 -16.72 7.33 1.38
C SER B 115 -16.68 7.25 1.43
N GLN B 116 -17.98 7.15 1.74
CA GLN B 116 -18.55 7.79 2.90
C GLN B 116 -19.26 6.78 3.77
N ARG B 117 -19.22 7.04 5.08
CA ARG B 117 -20.02 6.31 6.06
C ARG B 117 -20.60 7.34 7.02
N ASN B 118 -21.93 7.33 7.17
CA ASN B 118 -22.58 8.39 7.93
C ASN B 118 -22.18 8.36 9.40
N ARG B 119 -22.23 9.55 10.03
CA ARG B 119 -21.88 9.70 11.45
C ARG B 119 -22.83 8.94 12.36
N GLU B 120 -24.11 8.92 12.03
CA GLU B 120 -25.11 8.34 12.90
C GLU B 120 -25.76 7.14 12.21
N GLY B 121 -25.92 6.06 12.95
CA GLY B 121 -26.56 4.89 12.42
C GLY B 121 -28.04 5.13 12.13
N SER B 122 -28.59 4.29 11.27
CA SER B 122 -30.01 4.33 10.97
C SER B 122 -30.85 3.61 12.02
N SER B 123 -30.24 2.78 12.86
CA SER B 123 -30.96 2.03 13.87
C SER B 123 -30.59 2.46 15.29
N ASN B 127 -26.77 -0.24 15.09
CA ASN B 127 -26.05 0.88 14.47
C ASN B 127 -26.48 1.08 13.02
N GLN B 128 -25.84 0.36 12.10
CA GLN B 128 -26.26 0.29 10.70
C GLN B 128 -26.19 1.67 10.02
N LYS B 129 -24.97 2.17 9.93
CA LYS B 129 -24.69 3.42 9.24
C LYS B 129 -24.78 3.24 7.73
N ALA B 130 -25.34 4.24 7.05
CA ALA B 130 -25.40 4.23 5.60
C ALA B 130 -24.02 4.49 5.00
N ASN B 131 -23.79 3.88 3.84
CA ASN B 131 -22.55 3.99 3.09
C ASN B 131 -22.86 4.39 1.66
N ARG B 132 -21.91 5.11 1.04
CA ARG B 132 -21.93 5.27 -0.41
C ARG B 132 -20.51 5.54 -0.90
N SER B 133 -20.17 5.00 -2.07
CA SER B 133 -18.91 5.29 -2.73
C SER B 133 -19.15 5.63 -4.18
N HIS B 134 -18.30 6.52 -4.71
CA HIS B 134 -18.36 6.91 -6.11
C HIS B 134 -16.98 7.25 -6.61
N GLU B 135 -16.78 7.05 -7.91
CA GLU B 135 -15.58 7.54 -8.56
C GLU B 135 -15.50 9.06 -8.46
N GLY B 136 -14.29 9.56 -8.30
CA GLY B 136 -14.08 11.00 -8.28
C GLY B 136 -12.70 11.37 -8.77
N VAL B 137 -12.54 12.66 -9.09
CA VAL B 137 -11.26 13.19 -9.53
C VAL B 137 -10.90 14.41 -8.69
N ILE B 138 -9.67 14.44 -8.17
CA ILE B 138 -9.15 15.55 -7.42
C ILE B 138 -8.08 16.20 -8.29
N SER B 139 -8.42 17.34 -8.87
CA SER B 139 -7.46 18.07 -9.70
C SER B 139 -6.49 18.78 -8.78
N THR B 140 -5.19 18.49 -8.92
CA THR B 140 -4.22 19.16 -8.07
C THR B 140 -3.82 20.54 -8.58
N VAL B 141 -4.38 20.96 -9.72
CA VAL B 141 -4.16 22.31 -10.27
C VAL B 141 -5.41 23.19 -10.16
N ALA B 142 -6.49 22.69 -9.58
CA ALA B 142 -7.71 23.48 -9.45
C ALA B 142 -7.48 24.62 -8.45
N PRO B 143 -8.11 25.78 -8.69
CA PRO B 143 -8.00 26.86 -7.70
C PRO B 143 -8.38 26.44 -6.28
N ARG B 144 -9.29 25.48 -6.15
CA ARG B 144 -9.75 25.02 -4.85
C ARG B 144 -8.96 23.82 -4.33
N PHE B 145 -7.85 23.47 -5.00
CA PHE B 145 -6.91 22.50 -4.43
C PHE B 145 -6.04 23.26 -3.44
N THR B 146 -6.45 23.25 -2.17
CA THR B 146 -5.76 24.00 -1.11
C THR B 146 -5.55 23.11 0.10
N PRO B 147 -4.88 21.97 -0.07
CA PRO B 147 -4.74 21.03 1.07
C PRO B 147 -4.06 21.64 2.28
N LYS B 148 -3.11 22.56 2.07
CA LYS B 148 -2.44 23.20 3.18
C LYS B 148 -3.41 24.02 4.02
N LEU B 149 -4.49 24.52 3.41
CA LEU B 149 -5.53 25.25 4.10
C LEU B 149 -6.66 24.35 4.59
N GLY B 150 -6.54 23.04 4.37
CA GLY B 150 -7.47 22.09 4.94
C GLY B 150 -8.58 21.60 4.02
N SER B 151 -8.48 21.84 2.72
CA SER B 151 -9.55 21.35 1.84
C SER B 151 -9.06 21.19 0.41
N VAL B 152 -9.70 20.27 -0.31
CA VAL B 152 -9.52 20.08 -1.74
C VAL B 152 -10.91 19.97 -2.36
N MET B 153 -10.97 20.17 -3.67
CA MET B 153 -12.22 20.00 -4.42
C MET B 153 -12.18 18.65 -5.12
N ILE B 154 -13.29 17.91 -5.03
CA ILE B 154 -13.43 16.64 -5.72
C ILE B 154 -14.60 16.74 -6.70
N GLY B 155 -14.38 16.26 -7.92
CA GLY B 155 -15.41 16.21 -8.94
C GLY B 155 -15.93 14.80 -9.12
N THR B 156 -17.24 14.68 -9.20
CA THR B 156 -17.85 13.38 -9.44
C THR B 156 -18.67 13.47 -10.72
N TRP B 157 -19.03 12.30 -11.24
CA TRP B 157 -19.91 12.25 -12.40
C TRP B 157 -21.37 12.29 -12.00
N THR B 158 -21.69 11.90 -10.77
CA THR B 158 -23.01 12.12 -10.19
C THR B 158 -23.04 13.48 -9.51
N THR B 159 -24.12 14.23 -9.75
CA THR B 159 -24.29 15.54 -9.13
C THR B 159 -25.12 15.48 -7.86
N ASP B 160 -25.36 14.29 -7.31
CA ASP B 160 -26.33 14.16 -6.24
C ASP B 160 -25.80 13.35 -5.06
N ASP B 161 -25.38 12.11 -5.30
CA ASP B 161 -25.28 11.11 -4.24
C ASP B 161 -24.00 11.24 -3.41
N ILE B 162 -23.70 12.45 -2.96
CA ILE B 162 -22.57 12.74 -2.07
C ILE B 162 -23.12 13.57 -0.93
N GLN B 163 -22.96 13.08 0.31
CA GLN B 163 -23.55 13.72 1.49
CA GLN B 163 -23.55 13.76 1.46
C GLN B 163 -22.48 14.41 2.33
N ASP B 164 -22.93 15.24 3.27
CA ASP B 164 -22.05 16.00 4.15
C ASP B 164 -21.66 15.09 5.32
N GLN B 165 -20.77 14.16 5.03
CA GLN B 165 -20.50 13.03 5.90
C GLN B 165 -19.01 12.69 5.88
N PRO B 166 -18.53 11.92 6.85
CA PRO B 166 -17.13 11.49 6.83
C PRO B 166 -16.80 10.75 5.55
N SER B 167 -15.64 11.08 4.99
CA SER B 167 -15.28 10.64 3.66
C SER B 167 -13.80 10.29 3.60
N ARG B 168 -13.48 9.31 2.77
CA ARG B 168 -12.10 8.92 2.53
C ARG B 168 -11.93 8.70 1.04
N PHE B 169 -10.81 9.15 0.50
CA PHE B 169 -10.48 9.00 -0.91
C PHE B 169 -9.39 7.94 -1.07
N THR B 170 -9.71 6.86 -1.79
CA THR B 170 -8.75 5.82 -2.14
C THR B 170 -8.26 6.07 -3.56
N PRO B 171 -6.97 6.34 -3.77
CA PRO B 171 -6.48 6.63 -5.12
C PRO B 171 -6.41 5.37 -5.96
N VAL B 172 -6.63 5.54 -7.26
CA VAL B 172 -6.48 4.47 -8.23
C VAL B 172 -5.47 4.80 -9.30
N GLY B 173 -5.49 6.02 -9.82
CA GLY B 173 -4.57 6.41 -10.87
C GLY B 173 -4.81 7.84 -11.29
N LEU B 174 -4.75 8.08 -12.59
CA LEU B 174 -4.99 9.41 -13.15
C LEU B 174 -6.28 9.39 -13.96
N ASN B 175 -6.93 10.55 -14.04
CA ASN B 175 -8.11 10.61 -14.91
C ASN B 175 -7.72 10.54 -16.37
N ASP B 176 -6.61 11.19 -16.70
CA ASP B 176 -6.05 11.31 -18.03
C ASP B 176 -4.63 11.77 -17.79
N ASP B 177 -3.82 11.81 -18.85
CA ASP B 177 -2.47 12.35 -18.66
C ASP B 177 -2.20 13.52 -19.60
N ASP B 178 -3.23 14.31 -19.88
CA ASP B 178 -3.10 15.46 -20.79
C ASP B 178 -2.07 16.46 -20.27
N ASN B 179 -2.08 16.73 -18.97
CA ASN B 179 -1.17 17.70 -18.38
C ASN B 179 -0.54 17.16 -17.10
N TYR B 180 -0.29 15.86 -17.06
CA TYR B 180 0.34 15.22 -15.91
C TYR B 180 1.83 15.57 -15.88
N LYS B 181 2.26 16.26 -14.84
CA LYS B 181 3.65 16.71 -14.73
C LYS B 181 4.19 16.25 -13.38
N GLN B 182 4.90 15.10 -13.38
CA GLN B 182 5.33 14.50 -12.13
C GLN B 182 6.40 15.32 -11.42
N TRP B 183 7.11 16.20 -12.13
CA TRP B 183 8.14 17.05 -11.54
C TRP B 183 7.69 18.49 -11.38
N GLU B 184 6.39 18.72 -11.30
N GLU B 184 6.39 18.71 -11.27
CA GLU B 184 5.89 20.06 -10.98
CA GLU B 184 5.82 20.02 -11.01
C GLU B 184 4.98 19.95 -9.78
C GLU B 184 4.97 19.91 -9.74
N LEU B 185 5.31 20.70 -8.73
CA LEU B 185 4.56 20.61 -7.49
C LEU B 185 3.25 21.39 -7.61
N PRO B 186 2.19 20.90 -6.99
CA PRO B 186 0.97 21.70 -6.89
CA PRO B 186 0.96 21.71 -6.90
C PRO B 186 1.20 22.91 -6.00
N ASN B 187 0.27 23.85 -6.10
CA ASN B 187 0.25 24.99 -5.19
C ASN B 187 -0.59 24.55 -3.99
N TYR B 188 0.08 24.11 -2.92
CA TYR B 188 -0.63 23.51 -1.79
C TYR B 188 -1.61 24.47 -1.11
N SER B 189 -1.45 25.80 -1.28
CA SER B 189 -2.40 26.76 -0.73
C SER B 189 -3.16 27.52 -1.81
N GLY B 190 -3.16 27.03 -3.05
CA GLY B 190 -3.87 27.68 -4.13
C GLY B 190 -3.07 28.82 -4.74
N ALA B 191 -3.78 29.71 -5.43
CA ALA B 191 -3.11 30.90 -5.97
C ALA B 191 -2.40 31.70 -4.89
N LEU B 192 -2.76 31.47 -3.62
CA LEU B 192 -2.10 32.08 -2.46
C LEU B 192 -0.92 31.25 -1.95
N THR B 193 -0.30 30.45 -2.81
CA THR B 193 0.68 29.48 -2.35
C THR B 193 2.05 30.12 -2.16
N LEU B 194 2.57 30.04 -0.94
CA LEU B 194 4.00 30.11 -0.67
C LEU B 194 4.30 28.79 0.02
N ASN B 195 4.80 27.83 -0.75
CA ASN B 195 5.05 26.49 -0.22
C ASN B 195 6.18 26.55 0.80
N MET B 196 5.93 26.06 2.03
CA MET B 196 6.94 26.01 3.07
C MET B 196 7.17 24.56 3.48
N GLY B 197 8.34 24.31 4.08
CA GLY B 197 8.67 23.00 4.59
C GLY B 197 8.98 21.96 3.54
N LEU B 198 9.35 22.40 2.34
CA LEU B 198 9.56 21.44 1.26
C LEU B 198 10.86 20.66 1.45
N ALA B 199 10.82 19.37 1.12
CA ALA B 199 12.03 18.62 0.93
C ALA B 199 12.80 19.23 -0.25
N PRO B 200 14.12 19.28 -0.21
CA PRO B 200 14.89 19.99 -1.24
C PRO B 200 14.88 19.25 -2.56
N SER B 201 15.14 19.99 -3.64
CA SER B 201 15.33 19.36 -4.93
C SER B 201 16.63 18.56 -4.92
N VAL B 202 16.70 17.56 -5.79
CA VAL B 202 17.88 16.69 -5.89
C VAL B 202 18.37 16.70 -7.33
N PHE B 203 19.68 16.48 -7.50
CA PHE B 203 20.26 16.54 -8.82
CA PHE B 203 20.32 16.68 -8.79
C PHE B 203 21.63 15.89 -8.80
N PRO B 204 22.02 15.26 -9.90
CA PRO B 204 23.36 14.64 -9.97
C PRO B 204 24.39 15.73 -10.26
N THR B 205 25.43 15.80 -9.44
CA THR B 205 26.47 16.80 -9.63
C THR B 205 27.70 16.28 -10.35
N TYR B 206 28.01 15.00 -10.22
CA TYR B 206 29.26 14.48 -10.77
C TYR B 206 29.09 14.20 -12.26
N PRO B 207 30.12 14.48 -13.07
CA PRO B 207 29.96 14.34 -14.52
C PRO B 207 29.68 12.90 -14.92
N GLY B 208 28.74 12.74 -15.85
CA GLY B 208 28.35 11.43 -16.35
C GLY B 208 27.27 10.74 -15.55
N GLU B 209 26.77 11.35 -14.49
CA GLU B 209 25.79 10.71 -13.63
C GLU B 209 24.37 11.21 -13.92
N GLN B 210 23.42 10.29 -13.74
CA GLN B 210 21.99 10.59 -13.77
C GLN B 210 21.36 10.06 -12.50
N LEU B 211 20.17 10.57 -12.17
CA LEU B 211 19.40 9.97 -11.10
C LEU B 211 18.89 8.60 -11.53
N LEU B 212 18.81 7.68 -10.57
CA LEU B 212 18.18 6.39 -10.76
CA LEU B 212 18.18 6.39 -10.76
C LEU B 212 16.85 6.41 -10.03
N PHE B 213 15.79 5.95 -10.69
CA PHE B 213 14.46 5.98 -10.12
C PHE B 213 13.89 4.58 -9.98
N PHE B 214 12.96 4.46 -9.04
CA PHE B 214 12.10 3.28 -8.94
C PHE B 214 10.77 3.69 -9.56
N ARG B 215 10.44 3.09 -10.70
CA ARG B 215 9.34 3.54 -11.56
C ARG B 215 8.15 2.60 -11.50
N SER B 216 6.95 3.18 -11.46
CA SER B 216 5.71 2.41 -11.61
C SER B 216 4.82 3.06 -12.66
N TYR B 217 4.28 2.24 -13.54
N TYR B 217 4.18 2.22 -13.47
CA TYR B 217 3.18 2.70 -14.38
CA TYR B 217 3.18 2.69 -14.42
C TYR B 217 1.94 2.87 -13.52
C TYR B 217 1.79 2.67 -13.78
N ILE B 218 1.06 3.77 -13.94
CA ILE B 218 -0.15 3.92 -13.16
CA ILE B 218 -0.15 4.14 -13.19
C ILE B 218 -1.40 3.89 -14.03
N PRO B 219 -2.52 3.42 -13.47
CA PRO B 219 -3.76 3.29 -14.25
C PRO B 219 -4.36 4.64 -14.62
N MET B 220 -5.20 4.62 -15.67
CA MET B 220 -5.97 5.80 -16.05
C MET B 220 -7.44 5.48 -16.23
N LYS B 221 -8.27 6.47 -15.91
CA LYS B 221 -9.70 6.34 -16.11
C LYS B 221 -10.07 6.30 -17.60
N GLY B 222 -9.35 7.05 -18.42
CA GLY B 222 -9.61 7.07 -19.85
C GLY B 222 -8.44 7.70 -20.59
N GLY B 223 -8.61 7.85 -21.89
CA GLY B 223 -7.59 8.49 -22.71
C GLY B 223 -6.46 7.56 -23.10
N TYR B 224 -5.52 8.14 -23.84
CA TYR B 224 -4.37 7.41 -24.36
C TYR B 224 -3.12 7.76 -23.57
N GLY B 225 -2.26 6.76 -23.36
CA GLY B 225 -0.99 6.99 -22.72
C GLY B 225 -0.55 5.89 -21.79
N SER B 226 0.72 5.92 -21.39
CA SER B 226 1.29 5.00 -20.41
C SER B 226 1.99 5.82 -19.34
N PRO B 227 1.24 6.55 -18.53
CA PRO B 227 1.87 7.40 -17.50
C PRO B 227 2.59 6.57 -16.46
N TYR B 228 3.66 7.15 -15.92
CA TYR B 228 4.45 6.51 -14.90
C TYR B 228 4.81 7.54 -13.84
N ILE B 229 5.23 7.05 -12.68
CA ILE B 229 5.68 7.93 -11.60
C ILE B 229 6.97 7.36 -11.02
N ASP B 230 7.96 8.24 -10.83
CA ASP B 230 9.30 7.85 -10.42
C ASP B 230 9.53 8.28 -8.98
N CYS B 231 9.89 7.35 -8.10
CA CYS B 231 10.24 7.73 -6.74
C CYS B 231 11.74 7.58 -6.50
N LEU B 232 12.24 8.28 -5.49
CA LEU B 232 13.69 8.33 -5.24
C LEU B 232 14.18 7.07 -4.53
N ILE B 233 13.42 6.59 -3.55
CA ILE B 233 13.69 5.33 -2.85
C ILE B 233 12.36 4.68 -2.51
N PRO B 234 12.33 3.34 -2.44
CA PRO B 234 11.07 2.64 -2.17
C PRO B 234 10.53 2.94 -0.78
N GLN B 235 9.20 2.78 -0.62
CA GLN B 235 8.59 2.99 0.69
C GLN B 235 9.21 2.08 1.74
N GLU B 236 9.58 0.85 1.38
CA GLU B 236 10.16 -0.08 2.34
C GLU B 236 11.57 0.35 2.77
N TRP B 237 12.30 1.06 1.91
CA TRP B 237 13.57 1.61 2.37
C TRP B 237 13.34 2.72 3.37
N ILE B 238 12.34 3.56 3.13
CA ILE B 238 11.99 4.62 4.06
C ILE B 238 11.65 4.04 5.43
N SER B 239 10.82 2.99 5.43
CA SER B 239 10.51 2.30 6.67
CA SER B 239 10.50 2.32 6.68
C SER B 239 11.76 1.80 7.37
N HIS B 240 12.69 1.24 6.60
CA HIS B 240 13.91 0.68 7.18
C HIS B 240 14.80 1.77 7.76
N PHE B 241 15.04 2.85 7.01
CA PHE B 241 15.91 3.91 7.51
C PHE B 241 15.29 4.61 8.71
N TYR B 242 13.97 4.79 8.69
CA TYR B 242 13.27 5.39 9.83
C TYR B 242 13.49 4.56 11.10
N GLN B 243 13.37 3.24 10.99
N GLN B 243 13.40 3.23 10.99
CA GLN B 243 13.57 2.36 12.14
CA GLN B 243 13.56 2.40 12.18
C GLN B 243 15.02 2.36 12.60
C GLN B 243 15.02 2.30 12.61
N GLU B 244 15.95 2.19 11.66
CA GLU B 244 17.35 1.95 12.01
C GLU B 244 18.05 3.21 12.50
N SER B 245 17.83 4.34 11.82
CA SER B 245 18.48 5.60 12.16
C SER B 245 20.00 5.46 12.27
N ALA B 246 20.59 4.78 11.30
CA ALA B 246 22.04 4.60 11.31
C ALA B 246 22.71 5.88 10.82
N PRO B 247 23.73 6.38 11.52
CA PRO B 247 24.38 7.61 11.10
C PRO B 247 25.05 7.44 9.74
N SER B 248 24.94 8.48 8.91
CA SER B 248 25.64 8.49 7.62
C SER B 248 27.08 8.91 7.86
N GLN B 249 28.03 8.06 7.47
CA GLN B 249 29.44 8.33 7.77
C GLN B 249 30.07 9.30 6.78
N THR B 250 29.56 9.34 5.55
CA THR B 250 29.91 10.36 4.58
C THR B 250 28.62 10.77 3.88
N ASP B 251 28.75 11.56 2.82
CA ASP B 251 27.59 11.99 2.05
C ASP B 251 27.07 10.92 1.11
N VAL B 252 27.83 9.85 0.87
CA VAL B 252 27.51 8.90 -0.20
C VAL B 252 27.81 7.49 0.28
N ALA B 253 26.78 6.63 0.27
CA ALA B 253 26.95 5.19 0.46
C ALA B 253 27.09 4.54 -0.91
N LEU B 254 28.17 3.79 -1.09
CA LEU B 254 28.35 3.04 -2.33
C LEU B 254 27.54 1.75 -2.23
N ILE B 255 26.66 1.53 -3.21
CA ILE B 255 25.79 0.36 -3.23
C ILE B 255 25.98 -0.39 -4.54
N ARG B 256 25.91 -1.72 -4.46
CA ARG B 256 26.04 -2.60 -5.62
C ARG B 256 24.76 -3.40 -5.80
N TYR B 257 24.24 -3.44 -7.02
CA TYR B 257 23.09 -4.28 -7.33
C TYR B 257 23.61 -5.67 -7.69
N VAL B 258 23.25 -6.67 -6.88
CA VAL B 258 23.88 -7.98 -6.94
CA VAL B 258 23.88 -7.97 -6.99
C VAL B 258 22.84 -9.05 -7.23
N ASN B 259 23.24 -10.06 -7.99
CA ASN B 259 22.45 -11.27 -8.14
C ASN B 259 22.86 -12.17 -6.98
N PRO B 260 21.98 -12.45 -6.02
CA PRO B 260 22.42 -13.21 -4.84
C PRO B 260 22.81 -14.64 -5.14
N ASP B 261 22.34 -15.22 -6.25
CA ASP B 261 22.72 -16.58 -6.61
C ASP B 261 24.19 -16.66 -7.00
N THR B 262 24.63 -15.74 -7.85
CA THR B 262 25.95 -15.79 -8.45
C THR B 262 26.95 -14.84 -7.80
N GLY B 263 26.47 -13.86 -7.04
CA GLY B 263 27.32 -12.79 -6.56
C GLY B 263 27.71 -11.78 -7.61
N ARG B 264 27.20 -11.91 -8.83
CA ARG B 264 27.53 -10.98 -9.90
C ARG B 264 26.98 -9.60 -9.59
N VAL B 265 27.83 -8.59 -9.77
CA VAL B 265 27.40 -7.19 -9.67
C VAL B 265 26.85 -6.78 -11.02
N LEU B 266 25.57 -6.40 -11.04
CA LEU B 266 24.98 -5.89 -12.28
C LEU B 266 25.44 -4.47 -12.56
N PHE B 267 25.50 -3.63 -11.54
CA PHE B 267 26.00 -2.27 -11.64
C PHE B 267 26.20 -1.74 -10.22
N GLU B 268 26.89 -0.61 -10.12
CA GLU B 268 27.06 0.08 -8.85
C GLU B 268 26.45 1.48 -8.93
N ALA B 269 26.16 2.03 -7.76
CA ALA B 269 25.43 3.29 -7.68
C ALA B 269 25.84 4.03 -6.42
N LYS B 270 25.52 5.32 -6.39
CA LYS B 270 25.77 6.17 -5.23
C LYS B 270 24.45 6.48 -4.55
N LEU B 271 24.33 6.10 -3.29
CA LEU B 271 23.16 6.37 -2.46
C LEU B 271 23.49 7.58 -1.59
N HIS B 272 22.89 8.72 -1.92
CA HIS B 272 23.25 9.98 -1.28
C HIS B 272 22.52 10.11 0.06
N ARG B 273 23.18 10.81 1.01
CA ARG B 273 22.63 10.91 2.36
C ARG B 273 21.23 11.51 2.37
N GLN B 274 20.92 12.36 1.38
CA GLN B 274 19.61 12.99 1.28
C GLN B 274 18.50 12.01 0.91
N GLY B 275 18.84 10.79 0.47
CA GLY B 275 17.85 9.78 0.13
C GLY B 275 17.53 9.67 -1.36
N TYR B 276 18.56 9.60 -2.21
CA TYR B 276 18.37 9.39 -3.64
C TYR B 276 19.61 8.73 -4.20
N ILE B 277 19.48 8.21 -5.42
CA ILE B 277 20.52 7.38 -6.03
C ILE B 277 20.95 8.00 -7.36
N THR B 278 22.27 7.99 -7.60
CA THR B 278 22.78 8.31 -8.93
C THR B 278 23.61 7.15 -9.50
N VAL B 279 23.67 7.09 -10.83
CA VAL B 279 24.39 6.05 -11.57
C VAL B 279 25.15 6.72 -12.71
N ALA B 280 26.21 6.05 -13.17
CA ALA B 280 26.97 6.52 -14.32
C ALA B 280 26.34 5.95 -15.59
N LYS B 281 25.30 6.63 -16.07
CA LYS B 281 24.64 6.28 -17.33
C LYS B 281 24.09 7.55 -17.96
N THR B 282 24.04 7.56 -19.29
CA THR B 282 23.52 8.68 -20.06
C THR B 282 22.36 8.18 -20.91
N GLY B 283 21.25 8.90 -20.91
CA GLY B 283 20.10 8.58 -21.73
C GLY B 283 18.94 8.04 -20.90
N ASP B 284 17.82 7.83 -21.60
CA ASP B 284 16.56 7.44 -20.99
C ASP B 284 16.34 5.96 -21.28
N SER B 285 16.44 5.11 -20.26
CA SER B 285 16.35 3.68 -20.50
CA SER B 285 16.35 3.68 -20.50
C SER B 285 15.99 2.98 -19.21
N PRO B 286 15.30 1.84 -19.28
CA PRO B 286 15.15 0.99 -18.10
C PRO B 286 16.48 0.31 -17.81
N ILE B 287 16.59 -0.19 -16.58
CA ILE B 287 17.76 -0.92 -16.14
C ILE B 287 17.36 -2.38 -16.02
N ASN B 288 17.89 -3.22 -16.90
CA ASN B 288 17.52 -4.63 -16.93
C ASN B 288 18.33 -5.38 -15.87
N VAL B 289 17.61 -5.99 -14.93
CA VAL B 289 18.24 -6.70 -13.80
C VAL B 289 17.46 -7.99 -13.55
N PRO B 290 18.10 -8.98 -12.93
CA PRO B 290 17.39 -10.21 -12.59
C PRO B 290 16.34 -9.93 -11.51
N ALA B 291 15.23 -10.66 -11.59
CA ALA B 291 14.13 -10.44 -10.65
C ALA B 291 14.56 -10.68 -9.21
N ASN B 292 15.60 -11.47 -8.99
CA ASN B 292 16.06 -11.78 -7.64
C ASN B 292 17.06 -10.76 -7.10
N GLY B 293 17.42 -9.73 -7.87
CA GLY B 293 18.50 -8.85 -7.48
C GLY B 293 18.08 -7.81 -6.47
N TYR B 294 19.09 -7.28 -5.75
CA TYR B 294 18.87 -6.19 -4.80
C TYR B 294 20.18 -5.48 -4.53
N PHE B 295 20.06 -4.26 -4.02
CA PHE B 295 21.21 -3.45 -3.66
C PHE B 295 21.81 -3.91 -2.33
N ARG B 296 23.14 -3.95 -2.27
CA ARG B 296 23.87 -4.18 -1.03
C ARG B 296 24.78 -3.00 -0.75
N PHE B 297 24.83 -2.58 0.51
CA PHE B 297 25.77 -1.54 0.93
C PHE B 297 27.18 -2.08 0.93
N ASP B 298 28.11 -1.33 0.34
CA ASP B 298 29.51 -1.75 0.28
C ASP B 298 30.41 -0.96 1.23
N SER B 299 30.28 0.36 1.24
CA SER B 299 31.22 1.24 1.95
C SER B 299 30.74 2.68 1.77
N TRP B 300 31.31 3.58 2.57
CA TRP B 300 31.04 5.01 2.47
C TRP B 300 32.15 5.65 1.63
N VAL B 301 31.75 6.46 0.66
CA VAL B 301 32.67 7.11 -0.27
C VAL B 301 32.36 8.60 -0.34
N SER B 302 33.03 9.33 -1.23
CA SER B 302 32.79 10.76 -1.36
C SER B 302 31.89 11.06 -2.56
N GLN B 303 31.44 12.31 -2.63
CA GLN B 303 30.65 12.74 -3.77
C GLN B 303 31.41 12.61 -5.08
N PHE B 304 32.74 12.49 -5.02
CA PHE B 304 33.57 12.45 -6.22
C PHE B 304 33.93 11.03 -6.65
N TYR B 305 33.46 10.00 -5.94
CA TYR B 305 33.73 8.63 -6.35
C TYR B 305 33.24 8.40 -7.77
N SER B 306 34.07 7.78 -8.61
CA SER B 306 33.75 7.57 -10.01
C SER B 306 33.21 6.15 -10.19
N LEU B 307 31.92 6.05 -10.47
CA LEU B 307 31.27 4.76 -10.62
C LEU B 307 31.64 4.12 -11.95
N ALA B 308 31.64 2.80 -11.98
CA ALA B 308 31.79 2.10 -13.24
C ALA B 308 30.59 2.40 -14.13
N PRO B 309 30.80 2.67 -15.41
N PRO B 309 30.80 2.72 -15.40
CA PRO B 309 29.68 3.06 -16.28
CA PRO B 309 29.67 3.03 -16.29
C PRO B 309 28.75 1.88 -16.55
C PRO B 309 28.76 1.83 -16.46
N MET B 310 27.63 2.19 -17.19
N MET B 310 27.46 2.13 -16.62
CA MET B 310 26.65 1.18 -17.58
CA MET B 310 26.47 1.09 -16.81
C MET B 310 26.41 1.28 -19.08
C MET B 310 26.34 0.75 -18.29
#